data_1HOO
#
_entry.id   1HOO
#
_cell.length_a   72.600
_cell.length_b   92.910
_cell.length_c   119.000
_cell.angle_alpha   90.00
_cell.angle_beta   90.00
_cell.angle_gamma   90.00
#
_symmetry.space_group_name_H-M   'P 21 21 21'
#
loop_
_entity.id
_entity.type
_entity.pdbx_description
1 polymer 'ADENYLOSUCCINATE SYNTHETASE'
2 non-polymer 'AMINOPHOSPHONIC ACID-GUANYLATE ESTER'
3 non-polymer 'PHOSPHOAMINOPHOSPHONIC ACID-GUANYLATE ESTER'
4 water water
#
_entity_poly.entity_id   1
_entity_poly.type   'polypeptide(L)'
_entity_poly.pdbx_seq_one_letter_code
;GNNVVVLGTQWGDEGKGKIVDLLTERAKYVVRYQGGHNAGHTLVINGEKTVLHLIPSGILRENVTSIIGNGVVLSPAALM
KEMKELEDRGIPVRERLLLSEACPLILDYHVALDNAREKARGAKAIGTTGRGIGPAYEDKVARRGLRVGDLFDKETFAEK
LKEVMEYHNFQLVNYYKAEAVDYQKVLDDTMAVADILTSMVVDVSDLLDQARQRGDFVMFEGAQGTLLDIDHGTYPYVTS
SNTTAGGVATGSGLGPRYVDYVLGILKAYSTRVGAGPFPTELFDETGEFLCKQGNEFGATTGRRRRTGWLDTVAVRRAVQ
LNSLSGFCLTKLDVLDGLKEVKLCVAYRMPDGREVTTTPLAADDWKGVEPIYETMPGWSESTFGVKDRSGLPQAALNYIK
RIEELTGVPIDIISTGPDRTETMILRDPFDA
;
_entity_poly.pdbx_strand_id   A,B
#
loop_
_chem_comp.id
_chem_comp.type
_chem_comp.name
_chem_comp.formula
GNH non-polymer 'AMINOPHOSPHONIC ACID-GUANYLATE ESTER' 'C10 H16 N6 O10 P2'
GNP non-polymer 'PHOSPHOAMINOPHOSPHONIC ACID-GUANYLATE ESTER' 'C10 H17 N6 O13 P3'
#
# COMPACT_ATOMS: atom_id res chain seq x y z
N GLY A 1 9.49 5.85 -20.01
CA GLY A 1 8.57 4.71 -20.01
C GLY A 1 7.17 5.26 -20.11
N ASN A 2 6.20 4.44 -20.55
CA ASN A 2 4.81 4.93 -20.66
C ASN A 2 4.19 5.23 -19.28
N ASN A 3 4.59 4.51 -18.25
CA ASN A 3 4.03 4.71 -16.92
C ASN A 3 4.95 5.46 -16.04
N VAL A 4 4.60 6.72 -15.85
CA VAL A 4 5.44 7.59 -15.07
C VAL A 4 4.82 7.98 -13.74
N VAL A 5 5.61 7.85 -12.69
CA VAL A 5 5.22 8.25 -11.36
C VAL A 5 6.03 9.51 -11.00
N VAL A 6 5.38 10.53 -10.46
CA VAL A 6 6.04 11.78 -10.13
C VAL A 6 5.69 12.19 -8.73
N LEU A 7 6.69 12.48 -7.89
CA LEU A 7 6.46 12.92 -6.51
C LEU A 7 7.66 13.62 -5.90
N GLY A 8 7.38 14.37 -4.82
CA GLY A 8 8.39 15.11 -4.08
C GLY A 8 9.14 14.15 -3.19
N THR A 9 10.43 14.36 -3.08
CA THR A 9 11.25 13.41 -2.33
C THR A 9 11.54 13.78 -0.91
N GLN A 10 11.17 14.98 -0.49
CA GLN A 10 11.54 15.42 0.86
C GLN A 10 10.32 15.47 1.80
N TRP A 11 10.01 16.64 2.37
CA TRP A 11 8.84 16.83 3.26
C TRP A 11 7.78 17.75 2.62
N GLY A 12 7.71 17.70 1.29
CA GLY A 12 6.76 18.51 0.54
C GLY A 12 7.38 19.79 0.06
N ASP A 13 6.59 20.59 -0.66
CA ASP A 13 6.99 21.91 -1.16
C ASP A 13 8.22 21.85 -2.02
N GLU A 14 8.28 20.81 -2.82
CA GLU A 14 9.47 20.58 -3.63
C GLU A 14 9.42 21.29 -4.98
N GLY A 15 8.31 21.93 -5.32
CA GLY A 15 8.15 22.64 -6.58
C GLY A 15 7.77 21.65 -7.68
N LYS A 16 6.78 20.81 -7.40
CA LYS A 16 6.42 19.76 -8.33
C LYS A 16 5.29 20.10 -9.32
N GLY A 17 4.50 21.11 -8.95
CA GLY A 17 3.37 21.55 -9.75
C GLY A 17 3.72 21.87 -11.17
N LYS A 18 4.78 22.65 -11.33
CA LYS A 18 5.22 23.02 -12.67
C LYS A 18 5.59 21.79 -13.50
N ILE A 19 6.35 20.88 -12.91
CA ILE A 19 6.82 19.65 -13.57
C ILE A 19 5.64 18.80 -14.02
N VAL A 20 4.67 18.65 -13.12
CA VAL A 20 3.47 17.92 -13.42
C VAL A 20 2.75 18.56 -14.63
N ASP A 21 2.62 19.87 -14.65
CA ASP A 21 1.99 20.56 -15.77
C ASP A 21 2.74 20.30 -17.08
N LEU A 22 4.06 20.27 -16.97
CA LEU A 22 4.92 20.03 -18.10
C LEU A 22 4.70 18.65 -18.63
N LEU A 23 4.90 17.66 -17.74
CA LEU A 23 4.77 16.25 -18.09
C LEU A 23 3.40 15.91 -18.61
N THR A 24 2.42 16.73 -18.26
CA THR A 24 1.02 16.57 -18.65
C THR A 24 0.73 16.89 -20.11
N GLU A 25 1.71 17.40 -20.84
CA GLU A 25 1.54 17.69 -22.26
C GLU A 25 1.66 16.43 -23.10
N ARG A 26 2.22 15.38 -22.52
CA ARG A 26 2.40 14.15 -23.29
C ARG A 26 1.60 13.04 -22.71
N ALA A 27 1.13 13.24 -21.48
CA ALA A 27 0.33 12.22 -20.80
C ALA A 27 -1.05 12.07 -21.44
N LYS A 28 -1.52 10.84 -21.53
CA LYS A 28 -2.85 10.61 -22.05
C LYS A 28 -3.78 10.49 -20.86
N TYR A 29 -3.21 9.91 -19.80
CA TYR A 29 -3.89 9.71 -18.53
C TYR A 29 -3.07 10.27 -17.37
N VAL A 30 -3.72 11.01 -16.50
CA VAL A 30 -3.09 11.52 -15.30
C VAL A 30 -3.89 10.94 -14.15
N VAL A 31 -3.21 10.25 -13.24
CA VAL A 31 -3.90 9.60 -12.11
C VAL A 31 -3.42 10.04 -10.71
N ARG A 32 -4.41 10.21 -9.81
CA ARG A 32 -4.22 10.46 -8.41
C ARG A 32 -4.49 9.10 -7.80
N TYR A 33 -3.61 8.64 -6.90
CA TYR A 33 -3.71 7.32 -6.27
C TYR A 33 -3.50 7.35 -4.74
N GLN A 34 -3.29 8.51 -4.11
CA GLN A 34 -3.09 8.51 -2.67
C GLN A 34 -3.62 9.80 -1.99
N GLY A 35 -3.90 9.71 -0.68
CA GLY A 35 -4.38 10.89 0.03
C GLY A 35 -5.79 11.39 -0.25
N GLY A 36 -5.98 12.71 -0.13
CA GLY A 36 -7.30 13.26 -0.33
C GLY A 36 -7.38 14.66 -0.93
N HIS A 37 -7.95 15.60 -0.18
CA HIS A 37 -8.10 16.97 -0.69
C HIS A 37 -7.19 17.94 -0.02
N ASN A 38 -5.93 17.53 0.01
CA ASN A 38 -4.79 18.24 0.56
C ASN A 38 -3.65 18.29 -0.51
N ALA A 39 -4.00 18.13 -1.80
CA ALA A 39 -2.98 18.18 -2.85
C ALA A 39 -3.01 19.51 -3.61
N GLY A 40 -2.61 20.61 -2.96
CA GLY A 40 -2.67 21.91 -3.61
C GLY A 40 -1.86 22.25 -4.86
N HIS A 41 -2.52 22.29 -6.02
CA HIS A 41 -1.89 22.64 -7.29
C HIS A 41 -2.50 23.92 -7.83
N THR A 42 -1.74 25.00 -7.81
CA THR A 42 -2.23 26.30 -8.26
C THR A 42 -2.09 26.50 -9.76
N LEU A 43 -3.11 27.11 -10.35
CA LEU A 43 -3.12 27.36 -11.77
C LEU A 43 -3.90 28.62 -12.13
N VAL A 44 -3.69 29.07 -13.37
CA VAL A 44 -4.34 30.25 -13.91
C VAL A 44 -5.18 29.86 -15.15
N ILE A 45 -6.42 30.33 -15.22
CA ILE A 45 -7.25 29.97 -16.34
C ILE A 45 -7.93 31.19 -16.97
N ASN A 46 -9.11 31.54 -16.46
CA ASN A 46 -9.90 32.69 -16.93
C ASN A 46 -9.30 34.00 -16.37
N GLY A 47 -7.96 34.07 -16.34
CA GLY A 47 -7.24 35.22 -15.82
C GLY A 47 -7.14 35.16 -14.29
N GLU A 48 -7.98 34.32 -13.69
CA GLU A 48 -8.02 34.14 -12.24
C GLU A 48 -7.03 33.06 -11.78
N LYS A 49 -6.65 33.13 -10.51
CA LYS A 49 -5.77 32.13 -9.96
C LYS A 49 -6.63 31.12 -9.15
N THR A 50 -6.67 29.87 -9.61
CA THR A 50 -7.46 28.80 -8.96
C THR A 50 -6.60 27.66 -8.43
N VAL A 51 -6.93 27.18 -7.23
CA VAL A 51 -6.18 26.11 -6.59
C VAL A 51 -6.99 24.81 -6.55
N LEU A 52 -6.41 23.74 -7.06
CA LEU A 52 -7.07 22.44 -7.03
C LEU A 52 -6.37 21.56 -5.99
N HIS A 53 -7.14 20.88 -5.15
CA HIS A 53 -6.58 20.02 -4.11
C HIS A 53 -6.95 18.57 -4.35
N LEU A 54 -7.97 18.39 -5.20
CA LEU A 54 -8.51 17.06 -5.51
C LEU A 54 -8.37 16.67 -7.00
N ILE A 55 -9.05 17.42 -7.88
CA ILE A 55 -9.06 17.15 -9.32
C ILE A 55 -7.66 17.27 -9.94
N PRO A 56 -7.28 16.31 -10.77
CA PRO A 56 -5.97 16.35 -11.40
C PRO A 56 -5.79 17.49 -12.43
N SER A 57 -4.71 18.22 -12.20
CA SER A 57 -4.28 19.37 -12.97
C SER A 57 -4.50 19.19 -14.45
N GLY A 58 -4.28 17.95 -14.92
CA GLY A 58 -4.44 17.62 -16.33
C GLY A 58 -5.82 17.90 -16.90
N ILE A 59 -6.72 18.30 -16.01
CA ILE A 59 -8.11 18.64 -16.35
C ILE A 59 -8.14 19.81 -17.34
N LEU A 60 -7.11 20.65 -17.30
CA LEU A 60 -7.02 21.77 -18.21
C LEU A 60 -6.82 21.28 -19.66
N ARG A 61 -6.05 20.21 -19.81
CA ARG A 61 -5.76 19.62 -21.10
C ARG A 61 -6.99 18.93 -21.69
N GLU A 62 -7.15 18.99 -22.99
CA GLU A 62 -8.34 18.42 -23.63
C GLU A 62 -8.24 16.93 -23.97
N ASN A 63 -7.13 16.51 -24.58
CA ASN A 63 -7.05 15.10 -24.96
C ASN A 63 -6.53 14.23 -23.84
N VAL A 64 -6.51 14.80 -22.64
CA VAL A 64 -6.11 14.11 -21.44
C VAL A 64 -7.36 13.73 -20.67
N THR A 65 -7.30 12.58 -20.00
CA THR A 65 -8.37 12.07 -19.14
C THR A 65 -7.82 12.02 -17.72
N SER A 66 -8.57 12.57 -16.76
CA SER A 66 -8.16 12.57 -15.35
C SER A 66 -8.89 11.49 -14.54
N ILE A 67 -8.16 10.84 -13.67
CA ILE A 67 -8.70 9.75 -12.89
C ILE A 67 -8.35 9.81 -11.44
N ILE A 68 -9.34 9.67 -10.59
CA ILE A 68 -9.08 9.59 -9.17
C ILE A 68 -9.19 8.13 -8.79
N GLY A 69 -8.05 7.51 -8.49
CA GLY A 69 -8.03 6.10 -8.11
C GLY A 69 -8.55 5.78 -6.73
N ASN A 70 -8.84 4.49 -6.50
CA ASN A 70 -9.36 4.00 -5.23
C ASN A 70 -8.51 4.35 -4.04
N GLY A 71 -7.28 4.83 -4.27
CA GLY A 71 -6.40 5.21 -3.17
C GLY A 71 -6.74 6.57 -2.62
N VAL A 72 -7.55 7.31 -3.33
CA VAL A 72 -7.88 8.60 -2.82
C VAL A 72 -9.15 8.56 -1.97
N VAL A 73 -9.09 9.17 -0.78
CA VAL A 73 -10.33 9.29 0.01
C VAL A 73 -11.04 10.47 -0.59
N LEU A 74 -12.31 10.31 -0.94
CA LEU A 74 -13.02 11.37 -1.65
C LEU A 74 -14.16 12.02 -0.90
N SER A 75 -14.12 13.34 -0.85
CA SER A 75 -15.17 14.17 -0.24
C SER A 75 -16.07 14.78 -1.34
N PRO A 76 -17.36 14.38 -1.42
CA PRO A 76 -18.23 14.97 -2.46
C PRO A 76 -18.20 16.51 -2.43
N ALA A 77 -18.32 17.07 -1.22
CA ALA A 77 -18.33 18.48 -1.01
C ALA A 77 -17.19 19.14 -1.71
N ALA A 78 -15.98 18.73 -1.37
CA ALA A 78 -14.77 19.26 -1.99
C ALA A 78 -14.73 19.01 -3.53
N LEU A 79 -15.32 17.90 -3.99
CA LEU A 79 -15.35 17.59 -5.44
C LEU A 79 -16.29 18.56 -6.17
N MET A 80 -17.42 18.86 -5.53
CA MET A 80 -18.37 19.82 -6.12
C MET A 80 -17.81 21.24 -6.14
N LYS A 81 -17.09 21.61 -5.08
CA LYS A 81 -16.51 22.94 -5.05
C LYS A 81 -15.62 23.16 -6.27
N GLU A 82 -14.59 22.33 -6.45
CA GLU A 82 -13.65 22.46 -7.58
C GLU A 82 -14.34 22.29 -8.93
N MET A 83 -15.17 21.27 -9.03
CA MET A 83 -15.91 20.99 -10.24
C MET A 83 -16.56 22.26 -10.74
N LYS A 84 -17.32 22.92 -9.87
CA LYS A 84 -18.03 24.18 -10.19
C LYS A 84 -17.07 25.29 -10.60
N GLU A 85 -15.96 25.41 -9.89
CA GLU A 85 -14.97 26.42 -10.21
C GLU A 85 -14.51 26.26 -11.63
N LEU A 86 -14.30 25.02 -12.04
CA LEU A 86 -13.84 24.78 -13.40
C LEU A 86 -14.97 24.95 -14.40
N GLU A 87 -16.11 24.33 -14.15
CA GLU A 87 -17.27 24.53 -15.02
C GLU A 87 -17.42 26.06 -15.26
N ASP A 88 -17.36 26.86 -14.20
CA ASP A 88 -17.43 28.33 -14.32
C ASP A 88 -16.35 28.93 -15.21
N ARG A 89 -15.13 28.42 -15.18
CA ARG A 89 -14.10 28.96 -16.05
C ARG A 89 -14.09 28.21 -17.40
N GLY A 90 -15.24 27.67 -17.80
CA GLY A 90 -15.36 26.98 -19.08
C GLY A 90 -14.67 25.65 -19.39
N ILE A 91 -14.39 24.84 -18.38
CA ILE A 91 -13.75 23.54 -18.56
C ILE A 91 -14.76 22.44 -18.29
N PRO A 92 -15.08 21.59 -19.29
CA PRO A 92 -16.05 20.48 -19.17
C PRO A 92 -15.56 19.32 -18.28
N VAL A 93 -15.46 19.56 -16.98
CA VAL A 93 -14.94 18.57 -16.06
C VAL A 93 -15.70 17.28 -16.15
N ARG A 94 -17.01 17.35 -16.18
CA ARG A 94 -17.84 16.15 -16.26
C ARG A 94 -17.33 15.23 -17.34
N GLU A 95 -16.77 15.83 -18.38
CA GLU A 95 -16.27 15.07 -19.53
C GLU A 95 -14.91 14.40 -19.31
N ARG A 96 -13.91 15.16 -18.87
CA ARG A 96 -12.55 14.71 -18.70
C ARG A 96 -12.21 13.91 -17.40
N LEU A 97 -13.06 13.93 -16.36
CA LEU A 97 -12.73 13.26 -15.09
C LEU A 97 -13.42 11.89 -14.91
N LEU A 98 -12.69 10.97 -14.29
CA LEU A 98 -13.13 9.59 -14.00
C LEU A 98 -12.78 9.18 -12.59
N LEU A 99 -13.63 8.39 -11.96
CA LEU A 99 -13.40 8.00 -10.58
C LEU A 99 -13.72 6.56 -10.26
N SER A 100 -12.89 5.99 -9.40
CA SER A 100 -13.02 4.63 -8.92
C SER A 100 -14.22 4.44 -7.95
N GLU A 101 -15.01 3.39 -8.12
CA GLU A 101 -16.12 3.21 -7.21
C GLU A 101 -15.60 2.73 -5.84
N ALA A 102 -14.30 2.43 -5.79
CA ALA A 102 -13.69 1.96 -4.57
C ALA A 102 -13.16 3.13 -3.68
N CYS A 103 -13.26 4.36 -4.15
CA CYS A 103 -12.81 5.50 -3.35
C CYS A 103 -13.70 5.66 -2.13
N PRO A 104 -13.09 5.66 -0.90
CA PRO A 104 -13.85 5.81 0.34
C PRO A 104 -14.40 7.22 0.33
N LEU A 105 -15.59 7.40 0.89
CA LEU A 105 -16.18 8.73 0.97
C LEU A 105 -15.86 9.45 2.30
N ILE A 106 -15.65 10.74 2.19
CA ILE A 106 -15.45 11.59 3.36
C ILE A 106 -16.71 12.42 3.48
N LEU A 107 -17.43 12.18 4.58
CA LEU A 107 -18.66 12.88 4.91
C LEU A 107 -18.42 13.80 6.12
N ASP A 108 -19.38 14.69 6.40
CA ASP A 108 -19.27 15.66 7.49
C ASP A 108 -18.88 15.08 8.89
N TYR A 109 -19.42 13.92 9.23
CA TYR A 109 -19.09 13.32 10.50
C TYR A 109 -17.57 13.03 10.64
N HIS A 110 -16.91 12.67 9.53
CA HIS A 110 -15.46 12.43 9.50
C HIS A 110 -14.71 13.72 9.86
N VAL A 111 -15.17 14.83 9.31
CA VAL A 111 -14.56 16.12 9.62
C VAL A 111 -14.83 16.48 11.09
N ALA A 112 -16.02 16.15 11.57
CA ALA A 112 -16.38 16.36 12.98
C ALA A 112 -15.42 15.59 13.89
N LEU A 113 -15.23 14.29 13.59
CA LEU A 113 -14.30 13.46 14.36
C LEU A 113 -12.91 14.09 14.39
N ASP A 114 -12.41 14.43 13.21
CA ASP A 114 -11.08 15.05 13.05
C ASP A 114 -10.97 16.32 13.89
N ASN A 115 -11.91 17.23 13.68
CA ASN A 115 -11.95 18.49 14.40
C ASN A 115 -12.04 18.33 15.92
N ALA A 116 -12.88 17.38 16.35
CA ALA A 116 -13.07 17.12 17.78
C ALA A 116 -11.78 16.64 18.38
N ARG A 117 -11.12 15.73 17.68
CA ARG A 117 -9.87 15.15 18.14
C ARG A 117 -8.77 16.20 18.36
N GLU A 118 -8.47 17.07 17.39
CA GLU A 118 -7.40 18.02 17.68
C GLU A 118 -7.92 19.23 18.41
N LYS A 119 -9.17 19.59 18.25
CA LYS A 119 -9.67 20.70 18.99
C LYS A 119 -10.18 20.21 20.34
N ALA A 120 -9.29 19.44 20.96
CA ALA A 120 -9.50 18.77 22.24
C ALA A 120 -8.14 18.55 22.92
N ARG A 121 -8.08 17.57 23.83
CA ARG A 121 -6.88 17.27 24.57
C ARG A 121 -5.65 17.75 23.82
N GLY A 122 -5.07 18.82 24.35
CA GLY A 122 -3.90 19.42 23.74
C GLY A 122 -4.36 20.15 22.51
N ALA A 123 -5.11 21.22 22.71
CA ALA A 123 -5.61 22.04 21.59
C ALA A 123 -4.43 22.49 20.75
N LYS A 124 -3.53 23.21 21.40
CA LYS A 124 -2.32 23.70 20.76
C LYS A 124 -1.33 22.54 20.68
N ALA A 125 -1.61 21.58 19.80
CA ALA A 125 -0.76 20.40 19.64
C ALA A 125 -0.71 19.93 18.19
N ILE A 126 -0.49 18.62 18.00
CA ILE A 126 -0.42 18.00 16.67
C ILE A 126 -1.23 16.71 16.62
N GLY A 127 -2.36 16.76 15.92
CA GLY A 127 -3.22 15.59 15.81
C GLY A 127 -4.12 15.64 14.58
N THR A 128 -5.18 16.44 14.64
CA THR A 128 -6.10 16.56 13.52
C THR A 128 -6.71 17.98 13.38
N THR A 129 -8.03 18.09 13.54
CA THR A 129 -8.80 19.34 13.36
C THR A 129 -8.75 19.83 11.92
N GLY A 130 -9.25 19.02 11.00
CA GLY A 130 -9.22 19.42 9.62
C GLY A 130 -10.14 18.70 8.67
N ARG A 131 -9.54 18.27 7.55
CA ARG A 131 -10.19 17.63 6.41
C ARG A 131 -10.93 16.29 6.62
N GLY A 132 -10.56 15.45 7.57
CA GLY A 132 -11.30 14.20 7.75
C GLY A 132 -10.82 12.97 6.97
N ILE A 133 -9.56 13.07 6.52
CA ILE A 133 -8.88 12.05 5.75
C ILE A 133 -8.57 10.81 6.60
N GLY A 134 -7.99 10.99 7.78
CA GLY A 134 -7.73 9.86 8.65
C GLY A 134 -9.02 9.15 9.03
N PRO A 135 -10.11 9.87 9.43
CA PRO A 135 -11.29 9.06 9.77
C PRO A 135 -11.85 8.20 8.62
N ALA A 136 -11.82 8.73 7.40
CA ALA A 136 -12.34 7.98 6.26
C ALA A 136 -11.44 6.76 5.99
N TYR A 137 -10.12 6.96 6.02
CA TYR A 137 -9.21 5.84 5.87
C TYR A 137 -9.56 4.79 6.94
N GLU A 138 -9.71 5.23 8.20
CA GLU A 138 -10.01 4.33 9.31
C GLU A 138 -11.33 3.54 9.12
N ASP A 139 -12.35 4.21 8.65
CA ASP A 139 -13.61 3.53 8.42
C ASP A 139 -13.43 2.47 7.34
N LYS A 140 -12.53 2.78 6.42
CA LYS A 140 -12.23 1.91 5.34
C LYS A 140 -11.56 0.68 5.85
N VAL A 141 -10.56 0.85 6.70
CA VAL A 141 -9.87 -0.29 7.30
C VAL A 141 -10.79 -1.09 8.23
N ALA A 142 -11.64 -0.39 8.98
CA ALA A 142 -12.58 -1.08 9.86
C ALA A 142 -13.67 -1.72 9.01
N ARG A 143 -13.75 -1.32 7.76
CA ARG A 143 -14.75 -1.85 6.84
C ARG A 143 -16.16 -1.44 7.20
N ARG A 144 -16.32 -0.32 7.91
CA ARG A 144 -17.63 0.21 8.30
C ARG A 144 -17.99 1.43 7.46
N GLY A 145 -17.10 1.88 6.56
CA GLY A 145 -17.37 3.07 5.77
C GLY A 145 -18.07 2.94 4.43
N LEU A 146 -18.35 4.05 3.78
CA LEU A 146 -19.04 4.06 2.48
C LEU A 146 -18.11 4.34 1.32
N ARG A 147 -18.37 3.67 0.21
CA ARG A 147 -17.59 3.85 -0.99
C ARG A 147 -18.44 4.56 -2.05
N VAL A 148 -17.79 5.24 -2.98
CA VAL A 148 -18.48 5.89 -4.12
C VAL A 148 -19.48 4.90 -4.73
N GLY A 149 -19.09 3.64 -4.81
CA GLY A 149 -19.95 2.62 -5.42
C GLY A 149 -21.25 2.29 -4.70
N ASP A 150 -21.44 2.82 -3.48
CA ASP A 150 -22.67 2.59 -2.73
C ASP A 150 -23.78 3.51 -3.22
N LEU A 151 -23.39 4.58 -3.87
CA LEU A 151 -24.34 5.57 -4.37
C LEU A 151 -25.30 5.02 -5.44
N PHE A 152 -24.90 3.91 -6.05
CA PHE A 152 -25.73 3.25 -7.06
C PHE A 152 -27.04 2.79 -6.38
N ASP A 153 -26.92 2.03 -5.26
CA ASP A 153 -28.07 1.56 -4.52
C ASP A 153 -28.39 2.60 -3.48
N LYS A 154 -29.27 3.54 -3.84
CA LYS A 154 -29.68 4.64 -2.98
C LYS A 154 -30.36 4.17 -1.71
N GLU A 155 -31.12 3.09 -1.78
CA GLU A 155 -31.80 2.56 -0.58
C GLU A 155 -30.79 2.03 0.43
N THR A 156 -29.96 1.12 -0.03
CA THR A 156 -28.93 0.58 0.81
C THR A 156 -28.03 1.73 1.28
N PHE A 157 -27.95 2.81 0.53
CA PHE A 157 -27.07 3.90 0.96
C PHE A 157 -27.57 4.60 2.19
N ALA A 158 -28.87 4.89 2.21
CA ALA A 158 -29.50 5.56 3.33
C ALA A 158 -29.44 4.73 4.63
N GLU A 159 -29.70 3.43 4.59
CA GLU A 159 -29.61 2.66 5.85
C GLU A 159 -28.15 2.50 6.27
N LYS A 160 -27.28 2.19 5.32
CA LYS A 160 -25.85 2.07 5.60
C LYS A 160 -25.38 3.34 6.33
N LEU A 161 -25.72 4.49 5.75
CA LEU A 161 -25.37 5.75 6.37
C LEU A 161 -25.88 5.84 7.84
N LYS A 162 -27.10 5.37 8.08
CA LYS A 162 -27.64 5.42 9.43
C LYS A 162 -26.83 4.53 10.43
N GLU A 163 -26.49 3.31 10.02
CA GLU A 163 -25.72 2.44 10.90
C GLU A 163 -24.39 3.07 11.28
N VAL A 164 -23.72 3.69 10.32
CA VAL A 164 -22.39 4.24 10.59
C VAL A 164 -22.45 5.59 11.27
N MET A 165 -23.47 6.38 10.91
CA MET A 165 -23.62 7.66 11.58
C MET A 165 -24.06 7.44 13.05
N GLU A 166 -24.69 6.31 13.35
CA GLU A 166 -25.04 6.07 14.75
C GLU A 166 -23.79 5.81 15.58
N TYR A 167 -22.90 4.99 15.00
CA TYR A 167 -21.63 4.68 15.63
C TYR A 167 -20.79 5.93 15.91
N HIS A 168 -20.68 6.85 14.95
CA HIS A 168 -19.85 8.05 15.21
C HIS A 168 -20.50 9.10 16.11
N ASN A 169 -21.82 9.25 15.99
CA ASN A 169 -22.48 10.24 16.79
C ASN A 169 -22.32 9.96 18.27
N PHE A 170 -22.40 8.68 18.64
CA PHE A 170 -22.20 8.21 20.01
C PHE A 170 -20.85 8.70 20.51
N GLN A 171 -19.84 8.41 19.69
CA GLN A 171 -18.48 8.81 19.96
C GLN A 171 -18.37 10.32 20.15
N LEU A 172 -18.91 11.07 19.20
CA LEU A 172 -18.85 12.52 19.22
C LEU A 172 -19.47 13.12 20.47
N VAL A 173 -20.70 12.68 20.75
CA VAL A 173 -21.42 13.16 21.91
C VAL A 173 -20.84 12.66 23.23
N ASN A 174 -20.81 11.35 23.42
CA ASN A 174 -20.39 10.79 24.69
C ASN A 174 -18.91 10.93 25.04
N TYR A 175 -18.02 10.69 24.09
CA TYR A 175 -16.60 10.79 24.40
C TYR A 175 -16.07 12.19 24.21
N TYR A 176 -16.39 12.82 23.08
CA TYR A 176 -15.85 14.16 22.84
C TYR A 176 -16.73 15.23 23.41
N LYS A 177 -17.98 14.91 23.71
CA LYS A 177 -18.88 15.93 24.23
C LYS A 177 -18.92 17.02 23.18
N ALA A 178 -19.39 16.62 22.00
CA ALA A 178 -19.46 17.49 20.86
C ALA A 178 -20.78 17.34 20.16
N GLU A 179 -21.09 18.33 19.34
CA GLU A 179 -22.31 18.30 18.56
C GLU A 179 -22.34 17.07 17.69
N ALA A 180 -23.50 16.44 17.65
CA ALA A 180 -23.68 15.29 16.83
C ALA A 180 -23.85 15.81 15.45
N VAL A 181 -23.85 14.91 14.49
CA VAL A 181 -23.99 15.29 13.12
C VAL A 181 -25.33 14.81 12.62
N ASP A 182 -26.11 15.75 12.07
CA ASP A 182 -27.45 15.47 11.55
C ASP A 182 -27.38 14.51 10.35
N TYR A 183 -27.99 13.34 10.53
CA TYR A 183 -28.02 12.31 9.50
C TYR A 183 -28.82 12.74 8.30
N GLN A 184 -30.03 13.24 8.53
CA GLN A 184 -30.89 13.70 7.45
C GLN A 184 -30.11 14.60 6.50
N LYS A 185 -29.41 15.56 7.07
CA LYS A 185 -28.61 16.51 6.29
C LYS A 185 -27.56 15.79 5.41
N VAL A 186 -26.68 15.02 6.02
CA VAL A 186 -25.66 14.31 5.28
C VAL A 186 -26.29 13.47 4.14
N LEU A 187 -27.38 12.79 4.48
CA LEU A 187 -28.11 12.00 3.51
C LEU A 187 -28.56 12.92 2.39
N ASP A 188 -29.23 14.01 2.72
CA ASP A 188 -29.66 14.98 1.70
C ASP A 188 -28.48 15.54 0.91
N ASP A 189 -27.38 15.82 1.57
CA ASP A 189 -26.22 16.37 0.89
C ASP A 189 -25.63 15.39 -0.11
N THR A 190 -25.65 14.10 0.19
CA THR A 190 -25.06 13.11 -0.72
C THR A 190 -25.99 12.73 -1.85
N MET A 191 -27.29 12.70 -1.59
CA MET A 191 -28.22 12.37 -2.66
C MET A 191 -28.21 13.46 -3.73
N ALA A 192 -28.04 14.68 -3.29
CA ALA A 192 -28.04 15.79 -4.20
C ALA A 192 -27.05 15.61 -5.34
N VAL A 193 -25.92 14.94 -5.07
CA VAL A 193 -24.88 14.73 -6.11
C VAL A 193 -24.50 13.27 -6.42
N ALA A 194 -25.31 12.29 -6.00
CA ALA A 194 -25.01 10.86 -6.24
C ALA A 194 -24.94 10.51 -7.72
N ASP A 195 -25.93 10.94 -8.48
CA ASP A 195 -26.05 10.71 -9.90
C ASP A 195 -24.87 11.28 -10.63
N ILE A 196 -24.46 12.47 -10.24
CA ILE A 196 -23.29 13.12 -10.84
C ILE A 196 -22.07 12.26 -10.63
N LEU A 197 -21.93 11.73 -9.43
CA LEU A 197 -20.79 10.92 -9.12
C LEU A 197 -20.78 9.64 -9.89
N THR A 198 -21.80 8.80 -9.69
CA THR A 198 -21.84 7.51 -10.37
C THR A 198 -21.62 7.57 -11.88
N SER A 199 -21.82 8.71 -12.53
CA SER A 199 -21.66 8.79 -13.99
C SER A 199 -20.18 8.82 -14.43
N MET A 200 -19.36 9.36 -13.53
CA MET A 200 -17.92 9.43 -13.77
C MET A 200 -17.21 8.10 -13.45
N VAL A 201 -17.92 7.17 -12.79
CA VAL A 201 -17.37 5.89 -12.41
C VAL A 201 -16.88 5.01 -13.57
N VAL A 202 -15.75 4.34 -13.38
CA VAL A 202 -15.17 3.46 -14.39
C VAL A 202 -14.31 2.36 -13.69
N ASP A 203 -14.08 1.23 -14.34
CA ASP A 203 -13.15 0.25 -13.74
C ASP A 203 -11.73 0.84 -13.99
N VAL A 204 -11.05 1.36 -12.96
CA VAL A 204 -9.75 1.99 -13.16
C VAL A 204 -8.61 1.03 -13.46
N SER A 205 -8.47 -0.07 -12.75
CA SER A 205 -7.35 -0.93 -13.07
C SER A 205 -7.52 -1.64 -14.41
N ASP A 206 -8.77 -1.78 -14.84
CA ASP A 206 -9.03 -2.46 -16.13
C ASP A 206 -8.74 -1.50 -17.27
N LEU A 207 -8.98 -0.26 -16.97
CA LEU A 207 -8.74 0.78 -17.89
C LEU A 207 -7.21 1.02 -18.03
N LEU A 208 -6.49 0.96 -16.92
CA LEU A 208 -5.04 1.19 -16.92
C LEU A 208 -4.32 0.05 -17.58
N ASP A 209 -4.96 -1.12 -17.62
CA ASP A 209 -4.33 -2.26 -18.28
C ASP A 209 -4.50 -2.15 -19.80
N GLN A 210 -5.61 -1.64 -20.24
CA GLN A 210 -5.79 -1.49 -21.66
C GLN A 210 -4.85 -0.45 -22.18
N ALA A 211 -4.77 0.66 -21.44
CA ALA A 211 -3.86 1.74 -21.78
C ALA A 211 -2.44 1.15 -21.93
N ARG A 212 -2.09 0.26 -21.02
CA ARG A 212 -0.78 -0.38 -21.01
C ARG A 212 -0.55 -1.25 -22.23
N GLN A 213 -1.62 -1.77 -22.81
CA GLN A 213 -1.44 -2.62 -23.95
C GLN A 213 -1.27 -1.80 -25.21
N ARG A 214 -2.02 -0.73 -25.32
CA ARG A 214 -1.91 0.09 -26.49
C ARG A 214 -0.86 1.14 -26.39
N GLY A 215 0.01 1.02 -25.39
CA GLY A 215 1.09 1.97 -25.21
C GLY A 215 0.90 3.44 -24.84
N ASP A 216 -0.23 3.79 -24.20
CA ASP A 216 -0.55 5.18 -23.78
C ASP A 216 0.28 5.65 -22.62
N PHE A 217 0.50 6.95 -22.59
CA PHE A 217 1.29 7.66 -21.58
C PHE A 217 0.47 7.88 -20.33
N VAL A 218 0.90 7.24 -19.24
CA VAL A 218 0.18 7.38 -18.00
C VAL A 218 1.07 8.04 -16.98
N MET A 219 0.63 9.21 -16.52
CA MET A 219 1.35 9.90 -15.47
C MET A 219 0.65 9.68 -14.12
N PHE A 220 1.34 9.07 -13.18
CA PHE A 220 0.78 8.94 -11.84
C PHE A 220 1.29 10.12 -10.96
N GLU A 221 0.36 10.86 -10.37
CA GLU A 221 0.70 12.03 -9.59
C GLU A 221 0.68 11.86 -8.04
N GLY A 222 1.82 12.12 -7.40
CA GLY A 222 1.92 12.03 -5.95
C GLY A 222 1.44 13.35 -5.37
N ALA A 223 0.90 13.33 -4.16
CA ALA A 223 0.39 14.56 -3.54
C ALA A 223 1.23 15.09 -2.36
N GLN A 224 1.86 14.24 -1.55
CA GLN A 224 2.63 14.77 -0.41
C GLN A 224 4.16 14.55 -0.54
N GLY A 225 4.87 14.75 0.56
CA GLY A 225 6.31 14.56 0.55
C GLY A 225 6.61 13.10 0.89
N THR A 226 7.70 12.55 0.39
CA THR A 226 8.01 11.15 0.64
C THR A 226 8.31 10.85 2.11
N LEU A 227 9.01 11.77 2.76
CA LEU A 227 9.36 11.57 4.14
C LEU A 227 8.22 11.80 5.13
N LEU A 228 7.02 12.01 4.61
CA LEU A 228 5.81 12.15 5.41
C LEU A 228 4.99 10.88 5.33
N ASP A 229 5.46 9.91 4.53
CA ASP A 229 4.80 8.61 4.43
C ASP A 229 4.48 8.08 5.84
N ILE A 230 3.22 7.65 6.02
CA ILE A 230 2.71 7.10 7.26
C ILE A 230 3.59 6.02 7.81
N ASP A 231 4.05 5.14 6.93
CA ASP A 231 4.86 4.01 7.38
C ASP A 231 6.34 4.28 7.44
N HIS A 232 6.93 4.84 6.37
CA HIS A 232 8.40 5.03 6.31
C HIS A 232 8.97 6.44 6.56
N GLY A 233 8.10 7.40 6.82
CA GLY A 233 8.53 8.74 7.11
C GLY A 233 9.09 8.94 8.52
N THR A 234 9.34 10.20 8.85
CA THR A 234 9.88 10.63 10.13
C THR A 234 8.82 10.56 11.25
N TYR A 235 8.21 9.38 11.35
CA TYR A 235 7.23 9.11 12.38
C TYR A 235 7.72 9.66 13.70
N PRO A 236 6.82 10.17 14.56
CA PRO A 236 5.35 10.31 14.49
C PRO A 236 4.90 11.53 13.63
N TYR A 237 5.88 12.35 13.27
CA TYR A 237 5.66 13.56 12.50
C TYR A 237 5.45 13.20 11.04
N VAL A 238 4.33 12.52 10.82
CA VAL A 238 3.91 11.92 9.57
C VAL A 238 2.49 12.35 9.12
N THR A 239 2.12 12.13 7.85
CA THR A 239 0.79 12.49 7.41
C THR A 239 -0.14 11.28 7.51
N SER A 240 -1.35 11.44 7.02
CA SER A 240 -2.35 10.38 7.10
C SER A 240 -2.03 9.13 6.30
N SER A 241 -1.80 9.26 5.01
CA SER A 241 -1.58 8.07 4.17
C SER A 241 -0.12 7.83 3.77
N ASN A 242 0.07 6.83 2.93
CA ASN A 242 1.36 6.51 2.38
C ASN A 242 1.67 7.58 1.32
N THR A 243 2.92 8.02 1.25
CA THR A 243 3.28 9.05 0.27
C THR A 243 4.38 8.56 -0.72
N THR A 244 4.84 7.33 -0.61
CA THR A 244 5.88 6.83 -1.47
C THR A 244 5.32 6.13 -2.71
N ALA A 245 6.16 5.93 -3.72
CA ALA A 245 5.69 5.30 -4.96
C ALA A 245 5.08 3.90 -4.77
N GLY A 246 5.29 3.30 -3.59
CA GLY A 246 4.69 1.99 -3.32
C GLY A 246 3.16 1.96 -3.44
N GLY A 247 2.49 3.11 -3.21
CA GLY A 247 1.03 3.16 -3.29
C GLY A 247 0.34 3.27 -4.64
N VAL A 248 1.09 3.49 -5.70
CA VAL A 248 0.52 3.54 -7.04
C VAL A 248 -0.27 2.20 -7.38
N ALA A 249 0.31 1.06 -7.03
CA ALA A 249 -0.30 -0.23 -7.28
C ALA A 249 -1.56 -0.42 -6.46
N THR A 250 -1.48 -0.30 -5.14
CA THR A 250 -2.65 -0.47 -4.29
C THR A 250 -3.62 0.66 -4.50
N GLY A 251 -3.07 1.82 -4.84
CA GLY A 251 -3.90 3.00 -5.04
C GLY A 251 -4.60 3.17 -6.38
N SER A 252 -4.22 2.39 -7.39
CA SER A 252 -4.85 2.52 -8.72
C SER A 252 -5.23 1.16 -9.31
N GLY A 253 -4.64 0.07 -8.79
CA GLY A 253 -4.91 -1.26 -9.31
C GLY A 253 -3.91 -1.68 -10.38
N LEU A 254 -2.97 -0.77 -10.72
CA LEU A 254 -1.92 -1.07 -11.69
C LEU A 254 -0.95 -2.06 -11.07
N GLY A 255 -0.52 -3.06 -11.84
CA GLY A 255 0.41 -4.06 -11.34
C GLY A 255 1.75 -3.44 -10.96
N PRO A 256 2.41 -3.94 -9.93
CA PRO A 256 3.69 -3.30 -9.60
C PRO A 256 4.75 -3.31 -10.68
N ARG A 257 4.83 -4.41 -11.45
CA ARG A 257 5.86 -4.56 -12.48
C ARG A 257 5.70 -3.64 -13.68
N TYR A 258 4.56 -2.97 -13.80
CA TYR A 258 4.29 -2.12 -14.93
C TYR A 258 4.64 -0.68 -14.68
N VAL A 259 5.38 -0.41 -13.61
CA VAL A 259 5.83 0.96 -13.41
C VAL A 259 7.17 1.12 -14.14
N ASP A 260 7.22 2.00 -15.13
CA ASP A 260 8.42 2.16 -15.90
C ASP A 260 9.40 3.18 -15.34
N TYR A 261 8.93 4.34 -14.90
CA TYR A 261 9.84 5.38 -14.46
C TYR A 261 9.31 6.15 -13.26
N VAL A 262 10.15 6.33 -12.23
CA VAL A 262 9.71 7.13 -11.07
C VAL A 262 10.51 8.42 -10.98
N LEU A 263 9.86 9.53 -11.21
CA LEU A 263 10.53 10.81 -11.13
C LEU A 263 10.37 11.41 -9.74
N GLY A 264 11.50 11.59 -9.04
CA GLY A 264 11.48 12.23 -7.74
C GLY A 264 11.76 13.72 -7.87
N ILE A 265 10.81 14.56 -7.49
CA ILE A 265 11.01 16.02 -7.54
C ILE A 265 11.90 16.36 -6.35
N LEU A 266 12.96 17.12 -6.60
CA LEU A 266 13.92 17.43 -5.55
C LEU A 266 14.33 18.90 -5.51
N LYS A 267 14.02 19.58 -4.44
CA LYS A 267 14.38 21.00 -4.29
C LYS A 267 15.87 21.11 -3.94
N ALA A 268 16.54 22.09 -4.57
CA ALA A 268 18.02 22.31 -4.40
C ALA A 268 18.48 22.60 -2.94
N TYR A 269 17.52 22.83 -2.07
CA TYR A 269 17.80 23.04 -0.65
C TYR A 269 16.58 22.54 0.06
N SER A 270 16.64 22.41 1.38
CA SER A 270 15.53 21.87 2.17
C SER A 270 14.67 22.90 2.94
N THR A 271 13.41 22.50 3.11
CA THR A 271 12.41 23.21 3.88
C THR A 271 11.51 22.17 4.54
N ARG A 272 10.78 22.59 5.57
CA ARG A 272 9.84 21.73 6.28
C ARG A 272 8.85 22.63 7.00
N VAL A 273 7.58 22.31 6.93
CA VAL A 273 6.58 23.09 7.66
C VAL A 273 6.25 22.40 9.00
N GLY A 274 6.35 23.15 10.08
CA GLY A 274 5.95 22.57 11.33
C GLY A 274 6.92 21.69 12.07
N ALA A 275 6.40 21.15 13.16
CA ALA A 275 7.13 20.28 14.09
C ALA A 275 7.74 19.07 13.40
N GLY A 276 8.89 18.65 13.90
CA GLY A 276 9.48 17.46 13.33
C GLY A 276 10.96 17.56 13.09
N PRO A 277 11.65 16.40 13.07
CA PRO A 277 13.09 16.31 12.86
C PRO A 277 13.49 16.99 11.54
N PHE A 278 14.67 17.59 11.57
CA PHE A 278 15.18 18.31 10.43
C PHE A 278 16.66 18.61 10.70
N PRO A 279 17.50 17.57 10.54
CA PRO A 279 18.94 17.54 10.71
C PRO A 279 19.78 18.64 10.05
N THR A 280 19.41 19.09 8.85
CA THR A 280 20.21 20.08 8.14
C THR A 280 19.67 21.51 8.28
N GLU A 281 18.78 21.72 9.25
CA GLU A 281 18.15 23.02 9.52
C GLU A 281 19.14 24.10 9.85
N LEU A 282 18.90 25.29 9.32
CA LEU A 282 19.78 26.42 9.53
C LEU A 282 19.25 27.37 10.63
N PHE A 283 20.17 28.01 11.33
CA PHE A 283 19.84 28.92 12.43
C PHE A 283 20.76 30.11 12.36
N ASP A 284 21.01 30.55 11.12
CA ASP A 284 21.85 31.68 10.80
C ASP A 284 21.19 32.52 9.70
N GLU A 285 21.96 33.44 9.12
CA GLU A 285 21.43 34.32 8.10
C GLU A 285 21.11 33.59 6.78
N THR A 286 21.85 32.49 6.50
CA THR A 286 21.65 31.63 5.30
C THR A 286 20.22 31.04 5.22
N GLY A 287 19.77 30.47 6.33
CA GLY A 287 18.44 29.92 6.41
C GLY A 287 17.45 31.05 6.17
N GLU A 288 17.79 32.26 6.60
CA GLU A 288 16.87 33.36 6.33
C GLU A 288 16.93 33.76 4.88
N PHE A 289 18.13 33.65 4.30
CA PHE A 289 18.31 33.97 2.89
C PHE A 289 17.56 32.96 1.98
N LEU A 290 17.66 31.66 2.28
CA LEU A 290 17.00 30.65 1.45
C LEU A 290 15.48 30.75 1.51
N CYS A 291 14.98 31.27 2.62
CA CYS A 291 13.54 31.43 2.82
C CYS A 291 13.04 32.65 2.06
N LYS A 292 13.72 33.77 2.24
CA LYS A 292 13.32 34.99 1.56
C LYS A 292 13.52 34.86 0.02
N GLN A 293 14.70 34.43 -0.40
CA GLN A 293 15.00 34.29 -1.83
C GLN A 293 14.29 33.10 -2.49
N GLY A 294 13.62 32.28 -1.69
CA GLY A 294 12.91 31.14 -2.21
C GLY A 294 11.42 31.25 -2.03
N ASN A 295 10.97 32.38 -1.48
CA ASN A 295 9.54 32.62 -1.26
C ASN A 295 8.90 31.43 -0.50
N GLU A 296 9.55 31.04 0.60
CA GLU A 296 9.11 29.93 1.47
C GLU A 296 8.46 30.42 2.76
N PHE A 297 8.08 31.69 2.81
CA PHE A 297 7.47 32.27 3.99
C PHE A 297 5.99 31.95 4.03
N GLY A 298 5.65 30.69 4.30
CA GLY A 298 4.25 30.31 4.36
C GLY A 298 3.63 30.93 3.14
N ALA A 299 4.20 30.57 1.98
CA ALA A 299 3.77 31.07 0.68
C ALA A 299 2.90 30.07 -0.05
N THR A 300 3.51 29.01 -0.59
CA THR A 300 2.74 27.99 -1.29
C THR A 300 1.78 27.27 -0.33
N THR A 301 2.29 26.96 0.86
CA THR A 301 1.57 26.26 1.92
C THR A 301 2.48 26.12 3.14
N GLY A 302 2.28 26.95 4.17
CA GLY A 302 3.14 26.87 5.34
C GLY A 302 2.62 27.50 6.62
N ARG A 303 3.55 27.89 7.50
CA ARG A 303 3.25 28.54 8.78
C ARG A 303 4.52 28.56 9.64
N ARG A 304 5.25 27.46 9.52
CA ARG A 304 6.50 27.25 10.23
C ARG A 304 7.44 26.58 9.23
N ARG A 305 7.71 27.28 8.12
CA ARG A 305 8.56 26.74 7.03
C ARG A 305 10.03 26.97 7.25
N ARG A 306 10.60 26.03 7.99
CA ARG A 306 12.00 26.03 8.32
C ARG A 306 12.83 25.76 7.06
N THR A 307 14.07 26.26 7.01
CA THR A 307 14.94 26.04 5.86
C THR A 307 16.29 25.44 6.24
N GLY A 308 16.90 24.71 5.29
CA GLY A 308 18.19 24.09 5.53
C GLY A 308 18.87 23.58 4.29
N TRP A 309 20.07 23.01 4.46
CA TRP A 309 20.82 22.45 3.34
C TRP A 309 20.17 21.15 2.85
N LEU A 310 20.38 20.77 1.60
CA LEU A 310 19.84 19.54 1.07
C LEU A 310 20.46 18.38 1.84
N ASP A 311 19.67 17.36 2.10
CA ASP A 311 20.13 16.23 2.88
C ASP A 311 20.26 14.95 2.05
N THR A 312 21.46 14.65 1.55
CA THR A 312 21.62 13.45 0.73
C THR A 312 21.36 12.16 1.50
N VAL A 313 21.59 12.18 2.82
CA VAL A 313 21.34 11.00 3.66
C VAL A 313 19.84 10.68 3.65
N ALA A 314 19.02 11.73 3.79
CA ALA A 314 17.54 11.66 3.72
C ALA A 314 17.09 11.38 2.30
N VAL A 315 17.72 12.05 1.35
CA VAL A 315 17.41 11.89 -0.05
C VAL A 315 17.68 10.44 -0.51
N ARG A 316 18.73 9.82 0.00
CA ARG A 316 19.05 8.45 -0.33
C ARG A 316 17.88 7.50 0.16
N ARG A 317 17.36 7.78 1.38
CA ARG A 317 16.23 7.01 1.90
C ARG A 317 15.07 7.17 0.90
N ALA A 318 14.90 8.37 0.39
CA ALA A 318 13.83 8.59 -0.56
C ALA A 318 14.06 7.77 -1.86
N VAL A 319 15.32 7.67 -2.29
CA VAL A 319 15.68 6.92 -3.48
C VAL A 319 15.28 5.50 -3.35
N GLN A 320 15.62 4.95 -2.19
CA GLN A 320 15.40 3.59 -1.73
C GLN A 320 13.94 3.19 -1.69
N LEU A 321 13.10 4.05 -1.13
CA LEU A 321 11.66 3.83 -0.96
C LEU A 321 10.87 3.88 -2.25
N ASN A 322 11.33 4.69 -3.20
CA ASN A 322 10.52 4.92 -4.41
C ASN A 322 11.11 4.31 -5.63
N SER A 323 12.25 3.64 -5.45
CA SER A 323 12.97 3.06 -6.58
C SER A 323 13.17 4.21 -7.60
N LEU A 324 13.67 5.34 -7.11
CA LEU A 324 13.83 6.48 -8.00
C LEU A 324 14.58 6.18 -9.31
N SER A 325 14.01 6.63 -10.42
CA SER A 325 14.64 6.48 -11.72
C SER A 325 15.45 7.72 -12.01
N GLY A 326 14.86 8.87 -11.75
CA GLY A 326 15.61 10.08 -11.98
C GLY A 326 15.14 11.21 -11.10
N PHE A 327 15.96 12.23 -10.97
CA PHE A 327 15.64 13.40 -10.19
C PHE A 327 15.36 14.55 -11.10
N CYS A 328 14.52 15.44 -10.59
CA CYS A 328 14.19 16.74 -11.20
C CYS A 328 14.56 17.72 -10.12
N LEU A 329 15.70 18.39 -10.27
CA LEU A 329 16.13 19.38 -9.29
C LEU A 329 15.44 20.71 -9.53
N THR A 330 14.77 21.19 -8.49
CA THR A 330 14.01 22.44 -8.58
C THR A 330 14.66 23.56 -7.81
N LYS A 331 14.27 24.78 -8.17
CA LYS A 331 14.77 26.00 -7.53
C LYS A 331 16.30 26.10 -7.44
N LEU A 332 16.97 25.76 -8.52
CA LEU A 332 18.42 25.90 -8.55
C LEU A 332 18.75 27.40 -8.37
N ASP A 333 17.90 28.24 -8.97
CA ASP A 333 18.11 29.65 -8.93
C ASP A 333 18.18 30.25 -7.53
N VAL A 334 17.50 29.62 -6.57
CA VAL A 334 17.50 30.16 -5.21
C VAL A 334 18.90 30.31 -4.64
N LEU A 335 19.79 29.41 -5.02
CA LEU A 335 21.14 29.43 -4.51
C LEU A 335 22.04 30.41 -5.25
N ASP A 336 21.48 31.15 -6.20
CA ASP A 336 22.26 32.13 -6.92
C ASP A 336 22.71 33.19 -5.94
N GLY A 337 24.01 33.47 -5.89
CA GLY A 337 24.47 34.51 -4.98
C GLY A 337 25.11 33.94 -3.73
N LEU A 338 24.80 32.71 -3.36
CA LEU A 338 25.45 32.19 -2.18
C LEU A 338 26.94 32.13 -2.41
N LYS A 339 27.70 32.30 -1.33
CA LYS A 339 29.14 32.19 -1.43
C LYS A 339 29.46 30.73 -1.59
N GLU A 340 29.18 29.96 -0.56
CA GLU A 340 29.41 28.52 -0.59
C GLU A 340 28.09 27.77 -0.60
N VAL A 341 28.17 26.46 -0.76
CA VAL A 341 26.97 25.66 -0.72
C VAL A 341 27.29 24.39 0.00
N LYS A 342 26.29 23.81 0.67
CA LYS A 342 26.50 22.61 1.44
C LYS A 342 25.49 21.48 1.11
N LEU A 343 25.98 20.27 1.32
CA LEU A 343 25.24 19.05 1.15
C LEU A 343 25.52 18.20 2.33
N CYS A 344 24.49 17.57 2.86
CA CYS A 344 24.69 16.69 3.97
C CYS A 344 24.98 15.29 3.42
N VAL A 345 26.11 14.72 3.81
CA VAL A 345 26.56 13.43 3.31
C VAL A 345 26.61 12.37 4.41
N ALA A 346 26.35 12.74 5.66
CA ALA A 346 26.40 11.75 6.74
C ALA A 346 25.91 12.31 8.05
N TYR A 347 25.25 11.47 8.86
CA TYR A 347 24.77 11.93 10.15
C TYR A 347 25.62 11.41 11.27
N ARG A 348 26.10 12.31 12.10
CA ARG A 348 26.85 11.97 13.30
C ARG A 348 25.85 11.71 14.43
N MET A 349 25.84 10.48 14.94
CA MET A 349 24.93 10.09 16.00
C MET A 349 25.45 10.52 17.37
N PRO A 350 24.56 11.02 18.24
CA PRO A 350 24.90 11.47 19.58
C PRO A 350 25.92 10.61 20.29
N ASP A 351 25.96 9.33 19.96
CA ASP A 351 26.93 8.45 20.58
C ASP A 351 28.28 8.74 19.97
N GLY A 352 28.34 8.75 18.65
CA GLY A 352 29.58 9.05 18.00
C GLY A 352 29.69 8.39 16.65
N ARG A 353 28.85 7.41 16.38
CA ARG A 353 28.96 6.80 15.07
C ARG A 353 28.48 7.77 13.98
N GLU A 354 29.23 7.77 12.89
CA GLU A 354 28.89 8.56 11.73
C GLU A 354 28.26 7.61 10.73
N VAL A 355 26.98 7.84 10.45
CA VAL A 355 26.24 6.98 9.54
C VAL A 355 25.81 7.74 8.28
N THR A 356 25.41 7.00 7.27
CA THR A 356 24.98 7.59 6.00
C THR A 356 23.52 7.19 5.68
N THR A 357 22.94 6.34 6.51
CA THR A 357 21.53 5.98 6.34
C THR A 357 20.66 6.59 7.46
N THR A 358 19.47 6.98 7.05
CA THR A 358 18.52 7.58 7.91
C THR A 358 18.42 6.80 9.20
N PRO A 359 18.70 7.45 10.34
CA PRO A 359 18.58 6.69 11.58
C PRO A 359 17.13 6.19 11.67
N LEU A 360 16.88 5.17 12.49
CA LEU A 360 15.55 4.62 12.63
C LEU A 360 14.56 5.76 12.87
N ALA A 361 13.36 5.63 12.30
CA ALA A 361 12.27 6.63 12.36
C ALA A 361 11.82 6.93 13.79
N ALA A 362 12.79 6.95 14.70
CA ALA A 362 12.62 7.19 16.11
C ALA A 362 13.93 6.85 16.79
N ASP A 363 14.85 7.82 16.77
CA ASP A 363 16.17 7.74 17.40
C ASP A 363 16.55 9.15 17.84
N ASP A 364 17.82 9.47 17.96
CA ASP A 364 18.14 10.81 18.41
C ASP A 364 18.11 11.85 17.28
N TRP A 365 17.08 11.82 16.46
CA TRP A 365 16.95 12.76 15.35
C TRP A 365 17.21 14.21 15.76
N LYS A 366 16.52 14.71 16.78
CA LYS A 366 16.73 16.08 17.26
C LYS A 366 18.14 16.19 17.85
N GLY A 367 18.76 15.03 18.06
CA GLY A 367 20.08 14.97 18.62
C GLY A 367 21.12 14.42 17.68
N VAL A 368 20.91 14.58 16.36
CA VAL A 368 21.89 14.13 15.37
C VAL A 368 22.55 15.34 14.71
N GLU A 369 23.86 15.30 14.51
CA GLU A 369 24.55 16.41 13.85
C GLU A 369 24.94 16.04 12.41
N PRO A 370 24.47 16.83 11.44
CA PRO A 370 24.76 16.56 10.04
C PRO A 370 26.20 16.90 9.65
N ILE A 371 26.81 15.99 8.91
CA ILE A 371 28.13 16.16 8.37
C ILE A 371 27.94 16.75 6.99
N TYR A 372 28.63 17.83 6.72
CA TYR A 372 28.53 18.48 5.44
C TYR A 372 29.85 18.41 4.72
N GLU A 373 29.72 18.49 3.40
CA GLU A 373 30.77 18.56 2.44
C GLU A 373 30.53 19.89 1.84
N THR A 374 31.47 20.81 1.98
CA THR A 374 31.28 22.15 1.41
C THR A 374 31.73 22.25 -0.04
N MET A 375 31.10 23.17 -0.78
CA MET A 375 31.43 23.41 -2.18
C MET A 375 31.30 24.90 -2.50
N PRO A 376 32.11 25.42 -3.43
CA PRO A 376 32.06 26.81 -3.83
C PRO A 376 30.71 27.09 -4.46
N GLY A 377 30.16 28.28 -4.27
CA GLY A 377 28.89 28.63 -4.90
C GLY A 377 29.03 29.37 -6.24
N TRP A 378 27.99 30.05 -6.69
CA TRP A 378 28.03 30.79 -7.95
C TRP A 378 27.37 32.18 -7.87
N SER A 379 28.13 33.19 -8.31
CA SER A 379 27.63 34.55 -8.36
C SER A 379 26.80 34.71 -9.60
N GLU A 380 27.12 33.91 -10.62
CA GLU A 380 26.35 33.98 -11.85
C GLU A 380 24.92 33.52 -11.64
N SER A 381 24.06 33.94 -12.56
CA SER A 381 22.66 33.61 -12.48
C SER A 381 22.38 32.28 -13.21
N THR A 382 21.53 31.50 -12.55
CA THR A 382 21.03 30.22 -12.97
C THR A 382 19.59 30.46 -13.39
N PHE A 383 18.99 31.48 -12.79
CA PHE A 383 17.60 31.81 -13.09
C PHE A 383 17.37 31.99 -14.59
N GLY A 384 16.22 31.53 -15.06
CA GLY A 384 15.92 31.65 -16.47
C GLY A 384 16.71 30.74 -17.42
N VAL A 385 17.92 30.35 -17.06
CA VAL A 385 18.73 29.48 -17.92
C VAL A 385 17.89 28.32 -18.44
N LYS A 386 18.03 28.06 -19.75
CA LYS A 386 17.26 27.01 -20.41
C LYS A 386 18.12 25.98 -21.14
N ASP A 387 19.42 25.97 -20.87
CA ASP A 387 20.37 25.08 -21.52
C ASP A 387 21.54 24.82 -20.58
N ARG A 388 21.92 23.57 -20.37
CA ARG A 388 22.98 23.29 -19.40
C ARG A 388 24.41 23.76 -19.75
N SER A 389 24.58 24.54 -20.79
CA SER A 389 25.89 25.09 -21.08
C SER A 389 25.90 26.46 -20.45
N GLY A 390 24.71 27.04 -20.46
CA GLY A 390 24.49 28.33 -19.88
C GLY A 390 24.58 28.32 -18.36
N LEU A 391 24.82 27.15 -17.75
CA LEU A 391 24.94 27.04 -16.30
C LEU A 391 26.39 27.02 -15.93
N PRO A 392 26.76 27.76 -14.87
CA PRO A 392 28.14 27.84 -14.38
C PRO A 392 28.79 26.53 -13.88
N GLN A 393 30.09 26.39 -14.16
CA GLN A 393 30.86 25.21 -13.75
C GLN A 393 30.68 24.89 -12.27
N ALA A 394 30.43 25.91 -11.45
CA ALA A 394 30.22 25.68 -10.02
C ALA A 394 28.90 24.95 -9.82
N ALA A 395 27.86 25.45 -10.51
CA ALA A 395 26.52 24.88 -10.48
C ALA A 395 26.55 23.42 -10.99
N LEU A 396 27.07 23.27 -12.21
CA LEU A 396 27.21 21.95 -12.82
C LEU A 396 28.45 21.37 -12.25
N ASN A 397 28.36 20.96 -11.01
CA ASN A 397 29.43 20.38 -10.22
C ASN A 397 28.70 19.97 -8.95
N TYR A 398 27.89 20.90 -8.48
CA TYR A 398 26.99 20.68 -7.37
C TYR A 398 26.02 19.60 -7.87
N ILE A 399 25.42 19.91 -9.03
CA ILE A 399 24.49 18.99 -9.70
C ILE A 399 25.09 17.56 -9.71
N LYS A 400 26.36 17.46 -10.13
CA LYS A 400 27.02 16.16 -10.21
C LYS A 400 27.30 15.51 -8.86
N ARG A 401 27.51 16.30 -7.80
CA ARG A 401 27.74 15.66 -6.49
C ARG A 401 26.42 15.05 -5.95
N ILE A 402 25.30 15.68 -6.27
CA ILE A 402 24.03 15.09 -5.89
C ILE A 402 23.93 13.77 -6.64
N GLU A 403 24.18 13.82 -7.96
CA GLU A 403 24.14 12.59 -8.74
C GLU A 403 25.01 11.54 -8.08
N GLU A 404 26.26 11.91 -7.81
CA GLU A 404 27.21 11.00 -7.21
C GLU A 404 26.89 10.54 -5.79
N LEU A 405 26.15 11.32 -5.02
CA LEU A 405 25.88 10.87 -3.66
C LEU A 405 24.63 10.03 -3.61
N THR A 406 23.70 10.32 -4.49
CA THR A 406 22.45 9.58 -4.49
C THR A 406 22.52 8.37 -5.40
N GLY A 407 23.36 8.49 -6.42
CA GLY A 407 23.46 7.43 -7.40
C GLY A 407 22.26 7.49 -8.34
N VAL A 408 21.66 8.65 -8.53
CA VAL A 408 20.55 8.78 -9.46
C VAL A 408 20.80 10.00 -10.33
N PRO A 409 20.52 9.96 -11.64
CA PRO A 409 20.79 11.19 -12.40
C PRO A 409 19.71 12.20 -12.26
N ILE A 410 20.06 13.43 -12.56
CA ILE A 410 19.06 14.49 -12.58
C ILE A 410 18.64 14.70 -14.05
N ASP A 411 17.50 14.16 -14.44
CA ASP A 411 17.04 14.24 -15.83
C ASP A 411 16.34 15.57 -16.19
N ILE A 412 15.84 16.30 -15.20
CA ILE A 412 15.21 17.60 -15.44
C ILE A 412 15.71 18.57 -14.36
N ILE A 413 15.89 19.82 -14.77
CA ILE A 413 16.36 20.88 -13.91
C ILE A 413 15.47 22.08 -14.07
N SER A 414 14.91 22.58 -12.96
CA SER A 414 14.05 23.76 -13.04
C SER A 414 14.81 25.01 -12.58
N THR A 415 14.88 26.00 -13.47
CA THR A 415 15.66 27.23 -13.24
C THR A 415 14.83 28.46 -12.92
N GLY A 416 13.52 28.31 -12.72
CA GLY A 416 12.66 29.46 -12.44
C GLY A 416 11.22 28.99 -12.40
N PRO A 417 10.28 29.87 -12.08
CA PRO A 417 8.89 29.41 -12.03
C PRO A 417 8.13 29.20 -13.37
N ASP A 418 8.57 29.90 -14.41
CA ASP A 418 7.95 29.76 -15.74
C ASP A 418 8.14 28.35 -16.30
N ARG A 419 7.15 27.87 -17.03
CA ARG A 419 7.23 26.55 -17.65
C ARG A 419 8.48 26.46 -18.54
N THR A 420 8.81 27.55 -19.23
CA THR A 420 9.95 27.58 -20.14
C THR A 420 11.30 27.63 -19.41
N GLU A 421 11.25 27.84 -18.10
CA GLU A 421 12.47 27.88 -17.32
C GLU A 421 12.73 26.49 -16.80
N THR A 422 13.02 25.59 -17.74
CA THR A 422 13.22 24.17 -17.47
C THR A 422 14.16 23.52 -18.50
N MET A 423 14.97 22.59 -18.03
CA MET A 423 15.85 21.86 -18.91
C MET A 423 15.52 20.37 -18.80
N ILE A 424 15.16 19.74 -19.91
CA ILE A 424 14.85 18.33 -19.87
C ILE A 424 15.99 17.52 -20.47
N LEU A 425 16.83 16.98 -19.61
CA LEU A 425 17.96 16.22 -20.07
C LEU A 425 17.53 14.88 -20.72
N ARG A 426 16.46 14.29 -20.22
CA ARG A 426 16.06 13.02 -20.76
C ARG A 426 14.58 12.91 -21.17
N ASP A 427 13.68 13.17 -20.24
CA ASP A 427 12.23 13.04 -20.50
C ASP A 427 11.71 11.66 -20.09
N PRO A 428 11.13 11.55 -18.88
CA PRO A 428 10.60 10.29 -18.33
C PRO A 428 9.80 9.45 -19.34
N PHE A 429 9.10 10.08 -20.28
CA PHE A 429 8.33 9.33 -21.25
C PHE A 429 9.16 8.62 -22.30
N ASP A 430 10.29 9.17 -22.73
CA ASP A 430 11.13 8.52 -23.75
C ASP A 430 12.11 7.54 -23.12
N ALA A 431 12.47 7.79 -21.88
CA ALA A 431 13.40 6.91 -21.19
C ALA A 431 12.98 5.45 -21.29
N GLY B 1 13.74 -13.50 -12.13
CA GLY B 1 14.43 -12.35 -11.50
C GLY B 1 14.98 -12.72 -10.13
N ASN B 2 15.48 -11.74 -9.38
CA ASN B 2 16.05 -12.00 -8.04
C ASN B 2 15.10 -11.70 -6.89
N ASN B 3 14.25 -10.70 -7.05
CA ASN B 3 13.25 -10.39 -6.02
C ASN B 3 11.97 -11.06 -6.41
N VAL B 4 11.64 -12.12 -5.67
CA VAL B 4 10.48 -12.91 -5.98
C VAL B 4 9.36 -12.79 -4.98
N VAL B 5 8.15 -12.58 -5.51
CA VAL B 5 6.95 -12.47 -4.71
C VAL B 5 6.09 -13.71 -4.94
N VAL B 6 5.63 -14.34 -3.86
CA VAL B 6 4.78 -15.51 -3.95
C VAL B 6 3.46 -15.27 -3.21
N LEU B 7 2.34 -15.23 -3.92
CA LEU B 7 1.05 -15.00 -3.28
C LEU B 7 -0.10 -15.84 -3.85
N GLY B 8 -1.20 -15.92 -3.11
CA GLY B 8 -2.38 -16.67 -3.55
C GLY B 8 -3.21 -15.80 -4.47
N THR B 9 -3.57 -16.34 -5.64
CA THR B 9 -4.29 -15.57 -6.67
C THR B 9 -5.82 -15.67 -6.61
N GLN B 10 -6.35 -16.46 -5.70
CA GLN B 10 -7.80 -16.59 -5.64
C GLN B 10 -8.34 -16.09 -4.30
N TRP B 11 -9.06 -16.94 -3.56
CA TRP B 11 -9.64 -16.57 -2.27
C TRP B 11 -9.02 -17.33 -1.12
N GLY B 12 -7.69 -17.40 -1.09
CA GLY B 12 -7.02 -18.13 -0.04
C GLY B 12 -7.06 -19.62 -0.29
N ASP B 13 -6.24 -20.35 0.48
CA ASP B 13 -6.14 -21.83 0.44
C ASP B 13 -5.69 -22.41 -0.88
N GLU B 14 -4.81 -21.71 -1.58
CA GLU B 14 -4.34 -22.19 -2.88
C GLU B 14 -3.32 -23.32 -2.75
N GLY B 15 -2.81 -23.51 -1.54
CA GLY B 15 -1.79 -24.52 -1.31
C GLY B 15 -0.44 -23.89 -1.61
N LYS B 16 -0.08 -22.84 -0.88
CA LYS B 16 1.17 -22.12 -1.14
C LYS B 16 2.35 -22.52 -0.23
N GLY B 17 2.07 -23.12 0.93
CA GLY B 17 3.13 -23.51 1.86
C GLY B 17 4.26 -24.39 1.31
N LYS B 18 3.89 -25.38 0.51
CA LYS B 18 4.86 -26.29 -0.07
C LYS B 18 5.74 -25.55 -1.08
N ILE B 19 5.12 -24.67 -1.86
CA ILE B 19 5.87 -23.89 -2.84
C ILE B 19 6.82 -22.95 -2.10
N VAL B 20 6.27 -22.27 -1.09
CA VAL B 20 7.05 -21.36 -0.26
C VAL B 20 8.23 -22.14 0.33
N ASP B 21 7.95 -23.28 0.93
CA ASP B 21 9.02 -24.09 1.52
C ASP B 21 10.10 -24.46 0.49
N LEU B 22 9.69 -24.92 -0.68
CA LEU B 22 10.64 -25.31 -1.71
C LEU B 22 11.48 -24.10 -2.19
N LEU B 23 10.85 -22.96 -2.41
CA LEU B 23 11.60 -21.79 -2.85
C LEU B 23 12.53 -21.22 -1.76
N THR B 24 12.25 -21.51 -0.49
CA THR B 24 13.09 -21.00 0.60
C THR B 24 14.44 -21.72 0.62
N GLU B 25 14.57 -22.83 -0.11
CA GLU B 25 15.82 -23.56 -0.10
C GLU B 25 16.92 -22.87 -0.84
N ARG B 26 16.55 -21.95 -1.73
CA ARG B 26 17.53 -21.22 -2.52
C ARG B 26 17.57 -19.74 -2.17
N ALA B 27 16.69 -19.31 -1.27
CA ALA B 27 16.62 -17.89 -0.91
C ALA B 27 17.48 -17.54 0.29
N LYS B 28 17.95 -16.30 0.27
CA LYS B 28 18.76 -15.75 1.34
C LYS B 28 17.83 -15.09 2.35
N TYR B 29 16.75 -14.48 1.83
CA TYR B 29 15.77 -13.83 2.71
C TYR B 29 14.35 -14.16 2.30
N VAL B 30 13.53 -14.27 3.33
CA VAL B 30 12.10 -14.50 3.23
C VAL B 30 11.47 -13.35 4.03
N VAL B 31 10.63 -12.56 3.38
CA VAL B 31 10.02 -11.40 4.03
C VAL B 31 8.49 -11.43 4.03
N ARG B 32 7.89 -11.32 5.21
CA ARG B 32 6.42 -11.17 5.34
C ARG B 32 6.14 -9.66 5.16
N TYR B 33 5.12 -9.28 4.41
CA TYR B 33 4.87 -7.86 4.20
C TYR B 33 3.41 -7.43 4.44
N GLN B 34 2.55 -8.34 4.88
CA GLN B 34 1.15 -8.00 5.14
C GLN B 34 0.52 -8.98 6.12
N GLY B 35 -0.63 -8.60 6.67
CA GLY B 35 -1.33 -9.47 7.60
C GLY B 35 -0.76 -9.49 8.99
N GLY B 36 -1.08 -10.55 9.74
CA GLY B 36 -0.60 -10.69 11.10
C GLY B 36 -0.30 -12.14 11.43
N HIS B 37 -0.78 -12.57 12.59
CA HIS B 37 -0.60 -13.94 13.06
C HIS B 37 -1.71 -14.83 12.51
N ASN B 38 -1.79 -14.87 11.18
CA ASN B 38 -2.77 -15.67 10.46
C ASN B 38 -2.15 -16.28 9.17
N ALA B 39 -0.82 -16.44 9.17
CA ALA B 39 -0.13 -16.99 8.01
C ALA B 39 -0.50 -18.45 7.75
N GLY B 40 -0.78 -19.19 8.82
CA GLY B 40 -1.16 -20.59 8.66
C GLY B 40 -0.26 -21.45 7.77
N HIS B 41 0.85 -21.89 8.34
CA HIS B 41 1.81 -22.73 7.64
C HIS B 41 2.18 -23.91 8.53
N THR B 42 1.70 -25.09 8.18
CA THR B 42 1.98 -26.28 8.98
C THR B 42 3.30 -26.94 8.60
N LEU B 43 4.14 -27.17 9.59
CA LEU B 43 5.45 -27.76 9.36
C LEU B 43 5.70 -28.96 10.25
N VAL B 44 6.65 -29.79 9.83
CA VAL B 44 7.04 -30.96 10.60
C VAL B 44 8.29 -30.63 11.39
N ILE B 45 8.14 -30.26 12.65
CA ILE B 45 9.32 -29.94 13.43
C ILE B 45 9.90 -31.23 14.01
N ASN B 46 10.54 -31.98 13.13
CA ASN B 46 11.18 -33.24 13.52
C ASN B 46 10.15 -34.18 14.09
N GLY B 47 9.37 -34.79 13.22
CA GLY B 47 8.34 -35.74 13.63
C GLY B 47 7.08 -35.11 14.16
N GLU B 48 7.23 -34.02 14.92
CA GLU B 48 6.09 -33.33 15.51
C GLU B 48 5.53 -32.27 14.56
N LYS B 49 4.21 -32.30 14.38
CA LYS B 49 3.53 -31.34 13.51
C LYS B 49 3.32 -30.01 14.24
N THR B 50 3.62 -28.91 13.57
CA THR B 50 3.48 -27.59 14.16
C THR B 50 3.05 -26.57 13.10
N VAL B 51 2.19 -25.62 13.48
CA VAL B 51 1.76 -24.57 12.56
C VAL B 51 2.42 -23.26 12.97
N LEU B 52 2.74 -22.41 12.02
CA LEU B 52 3.30 -21.10 12.31
C LEU B 52 2.40 -20.08 11.67
N HIS B 53 2.05 -19.06 12.42
CA HIS B 53 1.13 -18.03 11.93
C HIS B 53 1.79 -16.68 11.78
N LEU B 54 2.95 -16.49 12.39
CA LEU B 54 3.63 -15.23 12.32
C LEU B 54 5.03 -15.39 11.73
N ILE B 55 5.81 -16.26 12.34
CA ILE B 55 7.17 -16.51 11.89
C ILE B 55 7.18 -17.30 10.57
N PRO B 56 8.02 -16.88 9.61
CA PRO B 56 8.15 -17.53 8.30
C PRO B 56 8.86 -18.88 8.41
N SER B 57 8.44 -19.84 7.59
CA SER B 57 9.04 -21.19 7.57
C SER B 57 10.53 -21.13 7.24
N GLY B 58 10.98 -20.02 6.67
CA GLY B 58 12.38 -19.87 6.36
C GLY B 58 13.22 -19.93 7.61
N ILE B 59 12.59 -19.79 8.78
CA ILE B 59 13.26 -19.83 10.07
C ILE B 59 13.95 -21.17 10.35
N LEU B 60 13.43 -22.23 9.75
CA LEU B 60 14.02 -23.54 9.92
C LEU B 60 15.34 -23.65 9.13
N ARG B 61 15.45 -22.91 8.04
CA ARG B 61 16.66 -22.98 7.25
C ARG B 61 17.80 -22.19 7.89
N GLU B 62 18.93 -22.87 8.06
CA GLU B 62 20.14 -22.34 8.68
C GLU B 62 20.76 -21.13 7.97
N ASN B 63 20.75 -21.08 6.64
CA ASN B 63 21.39 -19.94 5.98
C ASN B 63 20.39 -18.87 5.52
N VAL B 64 19.21 -18.83 6.13
CA VAL B 64 18.19 -17.87 5.75
C VAL B 64 17.86 -16.90 6.88
N THR B 65 17.60 -15.65 6.49
CA THR B 65 17.20 -14.63 7.43
C THR B 65 15.72 -14.30 7.18
N SER B 66 14.90 -14.62 8.18
CA SER B 66 13.47 -14.34 8.09
C SER B 66 13.19 -12.92 8.55
N ILE B 67 12.43 -12.19 7.75
CA ILE B 67 12.13 -10.80 8.06
C ILE B 67 10.63 -10.53 8.10
N ILE B 68 10.28 -9.70 9.07
CA ILE B 68 8.91 -9.25 9.30
C ILE B 68 8.84 -7.76 9.01
N GLY B 69 8.40 -7.41 7.80
CA GLY B 69 8.31 -6.03 7.39
C GLY B 69 7.28 -5.20 8.14
N ASN B 70 7.34 -3.89 7.94
CA ASN B 70 6.42 -2.96 8.60
C ASN B 70 4.94 -3.26 8.31
N GLY B 71 4.65 -3.97 7.22
CA GLY B 71 3.27 -4.30 6.85
C GLY B 71 2.57 -5.32 7.74
N VAL B 72 3.35 -6.09 8.49
CA VAL B 72 2.75 -7.09 9.37
C VAL B 72 2.42 -6.49 10.75
N VAL B 73 1.21 -6.75 11.25
CA VAL B 73 0.82 -6.25 12.57
C VAL B 73 1.29 -7.28 13.57
N LEU B 74 2.08 -6.85 14.55
CA LEU B 74 2.68 -7.81 15.43
C LEU B 74 2.15 -7.89 16.86
N SER B 75 1.56 -9.02 17.17
CA SER B 75 1.13 -9.29 18.53
C SER B 75 2.35 -9.83 19.27
N PRO B 76 2.83 -9.13 20.31
CA PRO B 76 4.00 -9.65 21.02
C PRO B 76 3.71 -11.00 21.69
N ALA B 77 2.46 -11.18 22.09
CA ALA B 77 2.05 -12.42 22.73
C ALA B 77 2.25 -13.61 21.79
N ALA B 78 1.87 -13.39 20.53
CA ALA B 78 1.94 -14.39 19.45
C ALA B 78 3.39 -14.76 19.08
N LEU B 79 4.27 -13.76 18.95
CA LEU B 79 5.67 -13.99 18.61
C LEU B 79 6.40 -14.81 19.69
N MET B 80 6.29 -14.37 20.94
CA MET B 80 6.90 -15.06 22.08
C MET B 80 6.48 -16.54 22.16
N LYS B 81 5.20 -16.82 21.97
CA LYS B 81 4.73 -18.21 22.00
C LYS B 81 5.44 -19.05 20.90
N GLU B 82 5.47 -18.54 19.67
CA GLU B 82 6.14 -19.19 18.53
C GLU B 82 7.66 -19.27 18.74
N MET B 83 8.27 -18.16 19.20
CA MET B 83 9.70 -18.12 19.50
C MET B 83 10.07 -19.25 20.46
N LYS B 84 9.31 -19.38 21.54
CA LYS B 84 9.53 -20.40 22.57
C LYS B 84 9.30 -21.80 22.02
N GLU B 85 8.18 -22.00 21.34
CA GLU B 85 7.90 -23.31 20.74
C GLU B 85 9.07 -23.73 19.85
N LEU B 86 9.59 -22.80 19.04
CA LEU B 86 10.70 -23.11 18.15
C LEU B 86 12.03 -23.33 18.92
N GLU B 87 12.44 -22.38 19.75
CA GLU B 87 13.66 -22.53 20.52
C GLU B 87 13.62 -23.81 21.38
N ASP B 88 12.42 -24.17 21.84
CA ASP B 88 12.24 -25.39 22.61
C ASP B 88 12.68 -26.58 21.76
N ARG B 89 12.49 -26.43 20.44
CA ARG B 89 12.81 -27.46 19.48
C ARG B 89 14.21 -27.28 18.85
N GLY B 90 15.10 -26.59 19.56
CA GLY B 90 16.46 -26.41 19.08
C GLY B 90 16.78 -25.32 18.09
N ILE B 91 15.75 -24.75 17.43
CA ILE B 91 15.93 -23.70 16.43
C ILE B 91 16.33 -22.34 17.03
N PRO B 92 17.50 -21.81 16.65
CA PRO B 92 17.96 -20.52 17.17
C PRO B 92 17.22 -19.32 16.52
N VAL B 93 15.92 -19.19 16.80
CA VAL B 93 15.07 -18.12 16.24
C VAL B 93 15.64 -16.70 16.39
N ARG B 94 15.94 -16.29 17.62
CA ARG B 94 16.43 -14.94 17.88
C ARG B 94 17.65 -14.50 17.06
N GLU B 95 18.21 -15.37 16.22
CA GLU B 95 19.38 -14.98 15.43
C GLU B 95 19.17 -15.13 13.92
N ARG B 96 17.96 -15.53 13.54
CA ARG B 96 17.61 -15.69 12.14
C ARG B 96 16.39 -14.84 11.79
N LEU B 97 15.78 -14.22 12.80
CA LEU B 97 14.55 -13.44 12.62
C LEU B 97 14.74 -11.94 12.96
N LEU B 98 14.38 -11.09 11.97
CA LEU B 98 14.49 -9.64 12.06
C LEU B 98 13.13 -8.94 11.90
N LEU B 99 12.96 -7.84 12.61
CA LEU B 99 11.71 -7.07 12.58
C LEU B 99 11.91 -5.61 12.15
N SER B 100 10.83 -5.00 11.70
CA SER B 100 10.87 -3.61 11.34
C SER B 100 10.46 -2.79 12.59
N GLU B 101 10.91 -1.55 12.69
CA GLU B 101 10.55 -0.69 13.81
C GLU B 101 9.17 -0.14 13.56
N ALA B 102 8.70 -0.25 12.32
CA ALA B 102 7.42 0.30 11.94
C ALA B 102 6.27 -0.66 12.09
N CYS B 103 6.51 -1.90 12.49
CA CYS B 103 5.40 -2.81 12.66
C CYS B 103 4.43 -2.32 13.77
N PRO B 104 3.13 -2.28 13.45
CA PRO B 104 2.08 -1.86 14.39
C PRO B 104 1.90 -2.96 15.43
N LEU B 105 1.72 -2.56 16.68
CA LEU B 105 1.55 -3.52 17.76
C LEU B 105 0.08 -3.85 18.02
N ILE B 106 -0.18 -5.14 18.20
CA ILE B 106 -1.48 -5.65 18.55
C ILE B 106 -1.43 -6.00 20.04
N LEU B 107 -2.23 -5.31 20.84
CA LEU B 107 -2.28 -5.52 22.29
C LEU B 107 -3.63 -6.08 22.70
N ASP B 108 -3.79 -6.39 23.98
CA ASP B 108 -5.05 -6.99 24.51
C ASP B 108 -6.34 -6.30 24.09
N TYR B 109 -6.37 -4.99 24.28
CA TYR B 109 -7.56 -4.25 23.94
C TYR B 109 -7.93 -4.39 22.46
N HIS B 110 -6.93 -4.66 21.62
CA HIS B 110 -7.16 -4.84 20.17
C HIS B 110 -8.01 -6.10 19.97
N VAL B 111 -7.61 -7.17 20.63
CA VAL B 111 -8.34 -8.42 20.55
C VAL B 111 -9.70 -8.23 21.24
N ALA B 112 -9.70 -7.52 22.37
CA ALA B 112 -10.95 -7.27 23.05
C ALA B 112 -11.97 -6.63 22.12
N LEU B 113 -11.56 -5.64 21.32
CA LEU B 113 -12.50 -5.00 20.39
C LEU B 113 -13.11 -6.01 19.43
N ASP B 114 -12.27 -6.88 18.87
CA ASP B 114 -12.72 -7.93 17.95
C ASP B 114 -13.74 -8.84 18.63
N ASN B 115 -13.37 -9.39 19.77
CA ASN B 115 -14.28 -10.24 20.51
C ASN B 115 -15.60 -9.49 20.73
N ALA B 116 -15.52 -8.24 21.15
CA ALA B 116 -16.71 -7.42 21.39
C ALA B 116 -17.52 -7.24 20.11
N ARG B 117 -16.86 -6.86 19.03
CA ARG B 117 -17.53 -6.64 17.75
C ARG B 117 -18.24 -7.89 17.21
N GLU B 118 -17.58 -9.03 17.24
CA GLU B 118 -18.19 -10.24 16.71
C GLU B 118 -19.52 -10.56 17.39
N LYS B 119 -19.56 -10.44 18.71
CA LYS B 119 -20.80 -10.68 19.46
C LYS B 119 -21.97 -9.89 18.86
N ALA B 120 -21.81 -8.56 18.84
CA ALA B 120 -22.85 -7.67 18.35
C ALA B 120 -22.97 -7.68 16.83
N ARG B 121 -21.89 -7.30 16.15
CA ARG B 121 -21.88 -7.20 14.68
C ARG B 121 -22.34 -8.48 14.00
N GLY B 122 -21.73 -9.60 14.38
CA GLY B 122 -22.10 -10.87 13.80
C GLY B 122 -23.22 -11.51 14.58
N ALA B 123 -22.89 -12.57 15.31
CA ALA B 123 -23.86 -13.28 16.12
C ALA B 123 -23.24 -14.52 16.77
N LYS B 124 -24.04 -15.19 17.58
CA LYS B 124 -23.64 -16.40 18.28
C LYS B 124 -23.53 -17.57 17.30
N ALA B 125 -22.56 -17.49 16.40
CA ALA B 125 -22.34 -18.54 15.40
C ALA B 125 -20.97 -18.40 14.74
N ILE B 126 -20.13 -19.41 14.91
CA ILE B 126 -18.77 -19.49 14.34
C ILE B 126 -18.05 -18.13 14.24
N GLY B 127 -18.37 -17.20 15.13
CA GLY B 127 -17.75 -15.88 15.08
C GLY B 127 -16.27 -15.78 15.45
N THR B 128 -15.42 -16.54 14.77
CA THR B 128 -14.00 -16.52 15.07
C THR B 128 -13.36 -15.20 14.63
N THR B 129 -13.29 -14.24 15.54
CA THR B 129 -12.67 -12.94 15.24
C THR B 129 -11.52 -12.64 16.19
N GLY B 130 -11.34 -13.53 17.18
CA GLY B 130 -10.28 -13.36 18.15
C GLY B 130 -8.92 -13.29 17.46
N ARG B 131 -8.42 -12.07 17.33
CA ARG B 131 -7.14 -11.81 16.71
C ARG B 131 -6.67 -10.40 17.01
N GLY B 132 -7.47 -9.42 16.60
CA GLY B 132 -7.12 -8.02 16.83
C GLY B 132 -6.37 -7.35 15.67
N ILE B 133 -6.22 -8.06 14.55
CA ILE B 133 -5.51 -7.53 13.39
C ILE B 133 -6.12 -6.20 12.88
N GLY B 134 -7.39 -6.25 12.46
CA GLY B 134 -8.05 -5.06 11.98
C GLY B 134 -7.88 -3.84 12.88
N PRO B 135 -8.32 -3.92 14.16
CA PRO B 135 -8.19 -2.81 15.10
C PRO B 135 -6.77 -2.25 15.13
N ALA B 136 -5.77 -3.13 15.03
CA ALA B 136 -4.39 -2.68 14.99
C ALA B 136 -4.16 -1.81 13.74
N TYR B 137 -4.64 -2.27 12.58
CA TYR B 137 -4.53 -1.49 11.35
C TYR B 137 -5.27 -0.17 11.50
N GLU B 138 -6.47 -0.22 12.09
CA GLU B 138 -7.30 0.98 12.27
C GLU B 138 -6.56 2.06 13.05
N ASP B 139 -5.98 1.67 14.18
CA ASP B 139 -5.26 2.63 15.02
C ASP B 139 -4.04 3.21 14.30
N LYS B 140 -3.52 2.44 13.36
CA LYS B 140 -2.36 2.84 12.59
C LYS B 140 -2.70 4.02 11.68
N VAL B 141 -3.74 3.86 10.85
CA VAL B 141 -4.13 4.92 9.94
C VAL B 141 -4.66 6.12 10.71
N ALA B 142 -5.36 5.89 11.82
CA ALA B 142 -5.87 7.00 12.64
C ALA B 142 -4.73 7.67 13.39
N ARG B 143 -3.50 7.25 13.12
CA ARG B 143 -2.33 7.83 13.76
C ARG B 143 -2.43 7.88 15.28
N ARG B 144 -2.98 6.83 15.87
CA ARG B 144 -3.10 6.76 17.33
C ARG B 144 -2.56 5.42 17.90
N GLY B 145 -2.05 4.55 17.01
CA GLY B 145 -1.52 3.28 17.47
C GLY B 145 -0.06 3.31 17.88
N LEU B 146 0.43 2.18 18.34
CA LEU B 146 1.82 2.04 18.77
C LEU B 146 2.57 1.14 17.81
N ARG B 147 3.88 1.32 17.80
CA ARG B 147 4.79 0.57 16.95
C ARG B 147 5.94 0.01 17.77
N VAL B 148 6.61 -0.99 17.25
CA VAL B 148 7.76 -1.58 17.93
C VAL B 148 8.79 -0.50 18.33
N GLY B 149 9.07 0.42 17.40
CA GLY B 149 10.03 1.46 17.67
C GLY B 149 9.69 2.28 18.90
N ASP B 150 8.42 2.34 19.26
CA ASP B 150 7.99 3.10 20.43
C ASP B 150 8.54 2.47 21.72
N LEU B 151 8.84 1.19 21.64
CA LEU B 151 9.35 0.44 22.79
C LEU B 151 10.75 0.88 23.18
N PHE B 152 11.44 1.56 22.27
CA PHE B 152 12.80 2.05 22.51
C PHE B 152 12.83 3.11 23.61
N ASP B 153 11.76 3.90 23.73
CA ASP B 153 11.66 4.93 24.77
C ASP B 153 10.46 4.65 25.65
N LYS B 154 10.73 4.00 26.77
CA LYS B 154 9.71 3.53 27.71
C LYS B 154 8.79 4.60 28.29
N GLU B 155 9.33 5.69 28.78
CA GLU B 155 8.53 6.77 29.36
C GLU B 155 7.36 7.15 28.44
N THR B 156 7.69 7.46 27.20
CA THR B 156 6.71 7.83 26.21
C THR B 156 5.78 6.67 25.89
N PHE B 157 6.32 5.46 25.85
CA PHE B 157 5.47 4.32 25.54
C PHE B 157 4.25 4.34 26.46
N ALA B 158 4.52 4.39 27.76
CA ALA B 158 3.51 4.37 28.82
C ALA B 158 2.47 5.47 28.65
N GLU B 159 2.91 6.67 28.28
CA GLU B 159 1.97 7.77 28.09
C GLU B 159 1.10 7.51 26.90
N LYS B 160 1.73 7.11 25.79
CA LYS B 160 1.04 6.81 24.53
C LYS B 160 0.02 5.70 24.74
N LEU B 161 0.46 4.65 25.41
CA LEU B 161 -0.39 3.52 25.72
C LEU B 161 -1.63 4.01 26.48
N LYS B 162 -1.41 4.64 27.62
CA LYS B 162 -2.47 5.18 28.48
C LYS B 162 -3.57 5.88 27.70
N GLU B 163 -3.16 6.74 26.80
CA GLU B 163 -4.10 7.53 26.01
C GLU B 163 -4.88 6.68 25.01
N VAL B 164 -4.22 5.81 24.27
CA VAL B 164 -4.97 5.00 23.31
C VAL B 164 -5.91 4.05 24.05
N MET B 165 -5.52 3.62 25.25
CA MET B 165 -6.37 2.70 26.00
C MET B 165 -7.60 3.37 26.64
N GLU B 166 -7.48 4.57 27.18
CA GLU B 166 -8.69 5.18 27.73
C GLU B 166 -9.72 5.38 26.63
N TYR B 167 -9.24 5.78 25.45
CA TYR B 167 -10.08 5.93 24.27
C TYR B 167 -10.73 4.59 23.93
N HIS B 168 -9.97 3.51 23.99
CA HIS B 168 -10.52 2.17 23.67
C HIS B 168 -11.39 1.59 24.77
N ASN B 169 -11.06 1.87 26.03
CA ASN B 169 -11.86 1.37 27.12
C ASN B 169 -13.23 2.02 27.10
N PHE B 170 -13.30 3.27 26.67
CA PHE B 170 -14.56 3.98 26.56
C PHE B 170 -15.53 3.24 25.68
N GLN B 171 -15.06 2.83 24.51
CA GLN B 171 -15.87 2.08 23.57
C GLN B 171 -16.19 0.71 24.11
N LEU B 172 -15.25 0.08 24.79
CA LEU B 172 -15.49 -1.25 25.36
C LEU B 172 -16.62 -1.22 26.39
N VAL B 173 -16.61 -0.25 27.30
CA VAL B 173 -17.63 -0.25 28.33
C VAL B 173 -18.92 0.46 27.96
N ASN B 174 -18.82 1.70 27.47
CA ASN B 174 -20.01 2.48 27.17
C ASN B 174 -20.70 2.18 25.83
N TYR B 175 -20.09 1.43 24.92
CA TYR B 175 -20.76 1.12 23.66
C TYR B 175 -20.98 -0.38 23.48
N TYR B 176 -19.97 -1.18 23.73
CA TYR B 176 -20.15 -2.62 23.58
C TYR B 176 -20.67 -3.25 24.85
N LYS B 177 -20.48 -2.56 25.98
CA LYS B 177 -20.88 -3.07 27.29
C LYS B 177 -20.12 -4.35 27.58
N ALA B 178 -18.83 -4.24 27.31
CA ALA B 178 -17.87 -5.29 27.53
C ALA B 178 -16.98 -4.83 28.67
N GLU B 179 -16.13 -5.71 29.18
CA GLU B 179 -15.24 -5.30 30.25
C GLU B 179 -14.17 -4.40 29.69
N ALA B 180 -13.60 -3.60 30.56
CA ALA B 180 -12.51 -2.74 30.16
C ALA B 180 -11.24 -3.57 30.25
N VAL B 181 -10.20 -3.16 29.53
CA VAL B 181 -8.95 -3.87 29.63
C VAL B 181 -8.08 -3.09 30.57
N ASP B 182 -7.44 -3.78 31.50
CA ASP B 182 -6.60 -3.13 32.48
C ASP B 182 -5.34 -2.58 31.85
N TYR B 183 -5.06 -1.31 32.13
CA TYR B 183 -3.88 -0.62 31.61
C TYR B 183 -2.56 -1.18 32.15
N GLN B 184 -2.39 -1.17 33.47
CA GLN B 184 -1.16 -1.64 34.11
C GLN B 184 -0.73 -3.00 33.60
N LYS B 185 -1.68 -3.89 33.38
CA LYS B 185 -1.37 -5.21 32.89
C LYS B 185 -0.76 -5.16 31.48
N VAL B 186 -1.40 -4.43 30.57
CA VAL B 186 -0.87 -4.33 29.20
C VAL B 186 0.55 -3.81 29.22
N LEU B 187 0.76 -2.74 29.98
CA LEU B 187 2.06 -2.10 30.11
C LEU B 187 3.09 -3.08 30.64
N ASP B 188 2.73 -3.77 31.72
CA ASP B 188 3.64 -4.71 32.32
C ASP B 188 3.93 -5.89 31.42
N ASP B 189 2.91 -6.37 30.72
CA ASP B 189 3.10 -7.49 29.80
C ASP B 189 4.04 -7.11 28.67
N THR B 190 3.86 -5.89 28.16
CA THR B 190 4.68 -5.38 27.08
C THR B 190 6.11 -5.03 27.53
N MET B 191 6.24 -4.33 28.65
CA MET B 191 7.57 -3.97 29.11
C MET B 191 8.37 -5.22 29.42
N ALA B 192 7.68 -6.31 29.73
CA ALA B 192 8.33 -7.58 30.06
C ALA B 192 9.14 -8.12 28.90
N VAL B 193 8.73 -7.79 27.67
CA VAL B 193 9.43 -8.27 26.47
C VAL B 193 10.07 -7.15 25.63
N ALA B 194 9.85 -5.89 26.00
CA ALA B 194 10.40 -4.75 25.25
C ALA B 194 11.86 -4.96 24.80
N ASP B 195 12.71 -5.47 25.68
CA ASP B 195 14.10 -5.69 25.31
C ASP B 195 14.29 -6.84 24.32
N ILE B 196 13.42 -7.84 24.39
CA ILE B 196 13.53 -8.93 23.42
C ILE B 196 13.08 -8.37 22.06
N LEU B 197 11.85 -7.91 22.00
CA LEU B 197 11.30 -7.37 20.77
C LEU B 197 12.24 -6.40 20.05
N THR B 198 12.79 -5.39 20.74
CA THR B 198 13.62 -4.40 20.06
C THR B 198 15.03 -4.87 19.76
N SER B 199 15.42 -6.01 20.32
CA SER B 199 16.75 -6.52 20.03
C SER B 199 16.80 -7.09 18.61
N MET B 200 15.65 -7.48 18.07
CA MET B 200 15.55 -8.04 16.72
C MET B 200 15.25 -6.97 15.68
N VAL B 201 15.22 -5.72 16.08
CA VAL B 201 14.88 -4.65 15.14
C VAL B 201 16.02 -4.24 14.23
N VAL B 202 15.71 -4.13 12.94
CA VAL B 202 16.72 -3.76 11.96
C VAL B 202 16.16 -2.76 10.96
N ASP B 203 17.04 -2.08 10.23
CA ASP B 203 16.60 -1.19 9.17
C ASP B 203 16.35 -2.07 7.94
N VAL B 204 15.14 -2.62 7.87
CA VAL B 204 14.71 -3.56 6.83
C VAL B 204 14.87 -3.08 5.38
N SER B 205 14.41 -1.87 5.09
CA SER B 205 14.49 -1.27 3.76
C SER B 205 15.92 -1.25 3.27
N ASP B 206 16.82 -0.68 4.07
CA ASP B 206 18.22 -0.60 3.68
C ASP B 206 18.77 -2.01 3.48
N LEU B 207 18.48 -2.88 4.44
CA LEU B 207 18.89 -4.27 4.37
C LEU B 207 18.55 -4.86 2.99
N LEU B 208 17.26 -4.87 2.66
CA LEU B 208 16.78 -5.39 1.37
C LEU B 208 17.43 -4.69 0.18
N ASP B 209 17.69 -3.40 0.32
CA ASP B 209 18.36 -2.68 -0.75
C ASP B 209 19.79 -3.24 -0.96
N GLN B 210 20.47 -3.54 0.14
CA GLN B 210 21.82 -4.10 0.03
C GLN B 210 21.78 -5.48 -0.63
N ALA B 211 20.80 -6.29 -0.28
CA ALA B 211 20.64 -7.63 -0.88
C ALA B 211 20.40 -7.49 -2.38
N ARG B 212 19.45 -6.64 -2.75
CA ARG B 212 19.13 -6.41 -4.15
C ARG B 212 20.43 -6.13 -4.92
N GLN B 213 21.18 -5.16 -4.44
CA GLN B 213 22.43 -4.74 -5.03
C GLN B 213 23.44 -5.86 -5.15
N ARG B 214 23.50 -6.74 -4.18
CA ARG B 214 24.45 -7.86 -4.21
C ARG B 214 23.90 -9.01 -5.00
N GLY B 215 22.66 -8.88 -5.47
CA GLY B 215 22.05 -9.94 -6.22
C GLY B 215 21.61 -11.13 -5.40
N ASP B 216 21.30 -10.97 -4.12
CA ASP B 216 20.84 -12.13 -3.33
C ASP B 216 19.40 -12.48 -3.64
N PHE B 217 19.04 -13.73 -3.40
CA PHE B 217 17.69 -14.20 -3.67
C PHE B 217 16.75 -13.83 -2.55
N VAL B 218 15.80 -12.94 -2.83
CA VAL B 218 14.84 -12.49 -1.80
C VAL B 218 13.41 -12.93 -2.14
N MET B 219 12.79 -13.66 -1.21
CA MET B 219 11.43 -14.12 -1.42
C MET B 219 10.45 -13.39 -0.50
N PHE B 220 9.46 -12.79 -1.13
CA PHE B 220 8.40 -12.09 -0.40
C PHE B 220 7.15 -12.96 -0.42
N GLU B 221 6.65 -13.32 0.76
CA GLU B 221 5.47 -14.13 0.80
C GLU B 221 4.27 -13.39 1.33
N GLY B 222 3.15 -13.47 0.59
CA GLY B 222 1.90 -12.85 0.99
C GLY B 222 1.13 -13.92 1.72
N ALA B 223 0.26 -13.57 2.65
CA ALA B 223 -0.47 -14.59 3.40
C ALA B 223 -1.92 -14.75 2.96
N GLN B 224 -2.55 -13.70 2.45
CA GLN B 224 -3.95 -13.85 2.04
C GLN B 224 -4.18 -13.76 0.53
N GLY B 225 -5.32 -14.30 0.14
CA GLY B 225 -5.72 -14.36 -1.24
C GLY B 225 -5.84 -13.00 -1.88
N THR B 226 -5.60 -12.98 -3.19
CA THR B 226 -5.64 -11.75 -3.94
C THR B 226 -7.00 -11.11 -3.89
N LEU B 227 -8.03 -11.90 -4.16
CA LEU B 227 -9.36 -11.36 -4.21
C LEU B 227 -9.93 -10.97 -2.84
N LEU B 228 -9.11 -11.03 -1.81
CA LEU B 228 -9.53 -10.63 -0.48
C LEU B 228 -8.98 -9.26 -0.19
N ASP B 229 -8.28 -8.69 -1.16
CA ASP B 229 -7.67 -7.37 -1.05
C ASP B 229 -8.68 -6.32 -0.61
N ILE B 230 -8.40 -5.65 0.51
CA ILE B 230 -9.33 -4.63 0.99
C ILE B 230 -9.81 -3.70 -0.14
N ASP B 231 -8.89 -3.27 -0.99
CA ASP B 231 -9.23 -2.35 -2.07
C ASP B 231 -9.86 -3.00 -3.32
N HIS B 232 -9.19 -4.00 -3.89
CA HIS B 232 -9.67 -4.59 -5.14
C HIS B 232 -10.42 -5.92 -5.01
N GLY B 233 -10.63 -6.39 -3.77
CA GLY B 233 -11.33 -7.64 -3.56
C GLY B 233 -12.80 -7.33 -3.68
N THR B 234 -13.64 -8.27 -3.25
CA THR B 234 -15.08 -8.09 -3.33
C THR B 234 -15.67 -7.47 -2.04
N TYR B 235 -15.65 -6.13 -1.95
CA TYR B 235 -16.19 -5.47 -0.77
C TYR B 235 -17.63 -5.92 -0.52
N PRO B 236 -17.99 -6.12 0.77
CA PRO B 236 -17.12 -5.93 1.94
C PRO B 236 -16.45 -7.23 2.38
N TYR B 237 -16.62 -8.28 1.58
CA TYR B 237 -16.06 -9.60 1.89
C TYR B 237 -14.60 -9.62 1.55
N VAL B 238 -13.85 -8.79 2.26
CA VAL B 238 -12.42 -8.61 2.07
C VAL B 238 -11.72 -8.50 3.42
N THR B 239 -10.40 -8.67 3.41
CA THR B 239 -9.62 -8.58 4.64
C THR B 239 -9.27 -7.12 5.00
N SER B 240 -8.55 -6.93 6.10
CA SER B 240 -8.21 -5.58 6.57
C SER B 240 -6.98 -4.98 5.91
N SER B 241 -6.31 -5.75 5.06
CA SER B 241 -5.14 -5.24 4.41
C SER B 241 -5.15 -5.50 2.91
N ASN B 242 -4.19 -4.87 2.24
CA ASN B 242 -3.99 -5.05 0.82
C ASN B 242 -3.23 -6.38 0.68
N THR B 243 -3.72 -7.28 -0.19
CA THR B 243 -3.10 -8.60 -0.36
C THR B 243 -2.29 -8.75 -1.63
N THR B 244 -2.57 -7.90 -2.64
CA THR B 244 -1.88 -7.89 -3.93
C THR B 244 -0.38 -7.59 -3.81
N ALA B 245 0.38 -8.05 -4.81
CA ALA B 245 1.83 -7.87 -4.90
C ALA B 245 2.25 -6.41 -4.77
N GLY B 246 1.32 -5.50 -5.07
CA GLY B 246 1.60 -4.09 -4.96
C GLY B 246 1.79 -3.70 -3.50
N GLY B 247 1.43 -4.60 -2.58
CA GLY B 247 1.57 -4.36 -1.16
C GLY B 247 2.97 -4.63 -0.65
N VAL B 248 3.83 -5.15 -1.52
CA VAL B 248 5.21 -5.44 -1.18
C VAL B 248 6.04 -4.18 -0.92
N ALA B 249 5.87 -3.12 -1.71
CA ALA B 249 6.67 -1.92 -1.47
C ALA B 249 6.35 -1.30 -0.12
N THR B 250 5.08 -0.97 0.08
CA THR B 250 4.60 -0.34 1.31
C THR B 250 4.91 -1.16 2.56
N GLY B 251 4.58 -2.45 2.52
CA GLY B 251 4.81 -3.30 3.67
C GLY B 251 6.21 -3.80 3.94
N SER B 252 7.18 -3.36 3.14
CA SER B 252 8.55 -3.80 3.36
C SER B 252 9.55 -2.67 3.14
N GLY B 253 9.15 -1.63 2.41
CA GLY B 253 10.06 -0.52 2.17
C GLY B 253 10.87 -0.57 0.89
N LEU B 254 10.83 -1.71 0.20
CA LEU B 254 11.55 -1.85 -1.06
C LEU B 254 10.78 -1.11 -2.14
N GLY B 255 11.50 -0.48 -3.08
CA GLY B 255 10.85 0.26 -4.14
C GLY B 255 10.05 -0.64 -5.06
N PRO B 256 8.95 -0.13 -5.65
CA PRO B 256 8.08 -0.88 -6.57
C PRO B 256 8.77 -1.50 -7.82
N ARG B 257 9.71 -0.77 -8.42
CA ARG B 257 10.41 -1.24 -9.62
C ARG B 257 11.34 -2.41 -9.33
N TYR B 258 11.46 -2.78 -8.05
CA TYR B 258 12.38 -3.85 -7.65
C TYR B 258 11.78 -5.25 -7.59
N VAL B 259 10.49 -5.36 -7.86
CA VAL B 259 9.83 -6.67 -7.92
C VAL B 259 10.24 -7.29 -9.25
N ASP B 260 10.98 -8.39 -9.22
CA ASP B 260 11.40 -9.02 -10.48
C ASP B 260 10.41 -10.03 -10.97
N TYR B 261 10.04 -10.97 -10.09
CA TYR B 261 9.13 -12.03 -10.46
C TYR B 261 8.02 -12.18 -9.45
N VAL B 262 6.81 -12.28 -9.97
CA VAL B 262 5.61 -12.46 -9.15
C VAL B 262 5.00 -13.83 -9.43
N LEU B 263 5.22 -14.77 -8.52
CA LEU B 263 4.66 -16.11 -8.65
C LEU B 263 3.29 -16.16 -8.03
N GLY B 264 2.31 -16.54 -8.83
CA GLY B 264 0.95 -16.64 -8.35
C GLY B 264 0.55 -18.09 -8.16
N ILE B 265 0.32 -18.47 -6.91
CA ILE B 265 -0.11 -19.82 -6.61
C ILE B 265 -1.56 -19.98 -7.05
N LEU B 266 -1.77 -20.87 -8.00
CA LEU B 266 -3.09 -21.13 -8.55
C LEU B 266 -3.52 -22.55 -8.26
N LYS B 267 -4.69 -22.68 -7.65
CA LYS B 267 -5.24 -23.99 -7.38
C LYS B 267 -6.03 -24.45 -8.63
N ALA B 268 -6.06 -25.75 -8.91
CA ALA B 268 -6.73 -26.31 -10.10
C ALA B 268 -8.21 -26.05 -10.14
N TYR B 269 -8.81 -25.87 -8.98
CA TYR B 269 -10.23 -25.56 -8.86
C TYR B 269 -10.36 -24.39 -7.87
N SER B 270 -11.57 -23.95 -7.54
CA SER B 270 -11.72 -22.81 -6.64
C SER B 270 -12.42 -23.17 -5.31
N THR B 271 -12.13 -22.39 -4.27
CA THR B 271 -12.79 -22.53 -2.98
C THR B 271 -12.91 -21.16 -2.34
N ARG B 272 -13.90 -21.03 -1.45
CA ARG B 272 -14.12 -19.81 -0.69
C ARG B 272 -14.48 -20.17 0.74
N VAL B 273 -14.05 -19.35 1.69
CA VAL B 273 -14.41 -19.58 3.08
C VAL B 273 -15.40 -18.51 3.53
N GLY B 274 -16.66 -18.89 3.67
CA GLY B 274 -17.65 -17.93 4.11
C GLY B 274 -18.32 -17.12 3.02
N ALA B 275 -19.08 -16.13 3.47
CA ALA B 275 -19.83 -15.22 2.62
C ALA B 275 -18.97 -14.58 1.51
N GLY B 276 -19.62 -14.23 0.40
CA GLY B 276 -18.94 -13.61 -0.72
C GLY B 276 -19.38 -14.16 -2.06
N PRO B 277 -19.29 -13.39 -3.16
CA PRO B 277 -19.70 -13.91 -4.47
C PRO B 277 -18.70 -14.97 -4.95
N PHE B 278 -19.22 -16.03 -5.54
CA PHE B 278 -18.45 -17.17 -6.04
C PHE B 278 -19.24 -17.80 -7.18
N PRO B 279 -19.21 -17.18 -8.37
CA PRO B 279 -19.90 -17.58 -9.61
C PRO B 279 -19.77 -19.04 -10.05
N THR B 280 -18.61 -19.65 -9.84
CA THR B 280 -18.37 -21.03 -10.29
C THR B 280 -18.72 -22.10 -9.27
N GLU B 281 -19.14 -21.67 -8.09
CA GLU B 281 -19.51 -22.58 -7.00
C GLU B 281 -20.41 -23.72 -7.45
N LEU B 282 -20.17 -24.92 -6.89
CA LEU B 282 -20.89 -26.15 -7.20
C LEU B 282 -21.69 -26.67 -6.02
N PHE B 283 -22.98 -26.90 -6.24
CA PHE B 283 -23.85 -27.43 -5.19
C PHE B 283 -24.36 -28.81 -5.58
N ASP B 284 -23.44 -29.67 -5.98
CA ASP B 284 -23.81 -31.00 -6.43
C ASP B 284 -22.75 -32.03 -6.07
N GLU B 285 -22.78 -33.16 -6.77
CA GLU B 285 -21.87 -34.28 -6.56
C GLU B 285 -20.43 -33.85 -6.81
N THR B 286 -20.20 -33.21 -7.95
CA THR B 286 -18.87 -32.75 -8.33
C THR B 286 -18.26 -31.83 -7.27
N GLY B 287 -19.10 -30.99 -6.69
CA GLY B 287 -18.58 -30.11 -5.66
C GLY B 287 -18.09 -31.01 -4.56
N GLU B 288 -19.02 -31.71 -3.94
CA GLU B 288 -18.70 -32.62 -2.85
C GLU B 288 -17.44 -33.45 -3.15
N PHE B 289 -17.27 -33.83 -4.41
CA PHE B 289 -16.11 -34.59 -4.86
C PHE B 289 -14.80 -33.78 -4.69
N LEU B 290 -14.81 -32.52 -5.11
CA LEU B 290 -13.64 -31.66 -5.00
C LEU B 290 -13.26 -31.46 -3.56
N CYS B 291 -14.30 -31.28 -2.74
CA CYS B 291 -14.10 -31.07 -1.34
C CYS B 291 -13.47 -32.32 -0.68
N LYS B 292 -13.96 -33.49 -1.05
CA LYS B 292 -13.44 -34.74 -0.51
C LYS B 292 -12.03 -35.04 -1.01
N GLN B 293 -11.86 -35.09 -2.34
CA GLN B 293 -10.54 -35.39 -2.89
C GLN B 293 -9.54 -34.31 -2.56
N GLY B 294 -10.02 -33.10 -2.33
CA GLY B 294 -9.14 -32.01 -2.00
C GLY B 294 -8.96 -31.80 -0.51
N ASN B 295 -9.75 -32.49 0.30
CA ASN B 295 -9.70 -32.34 1.75
C ASN B 295 -9.92 -30.89 2.14
N GLU B 296 -10.76 -30.22 1.38
CA GLU B 296 -11.06 -28.83 1.63
C GLU B 296 -11.86 -28.70 2.91
N PHE B 297 -11.17 -28.85 4.04
CA PHE B 297 -11.78 -28.72 5.35
C PHE B 297 -10.98 -27.73 6.18
N GLY B 298 -11.61 -27.18 7.20
CA GLY B 298 -10.94 -26.19 8.05
C GLY B 298 -9.71 -26.59 8.86
N ALA B 299 -9.69 -27.81 9.40
CA ALA B 299 -8.57 -28.25 10.25
C ALA B 299 -8.63 -27.53 11.60
N THR B 300 -9.78 -26.91 11.82
CA THR B 300 -10.12 -26.14 13.01
C THR B 300 -11.57 -25.68 12.83
N THR B 301 -12.46 -26.19 13.67
CA THR B 301 -13.88 -25.85 13.58
C THR B 301 -14.31 -25.83 12.10
N GLY B 302 -13.75 -26.74 11.33
CA GLY B 302 -14.05 -26.80 9.91
C GLY B 302 -15.49 -27.09 9.52
N ARG B 303 -16.10 -26.14 8.83
CA ARG B 303 -17.46 -26.30 8.36
C ARG B 303 -17.49 -26.80 6.91
N ARG B 304 -16.31 -27.03 6.34
CA ARG B 304 -16.12 -27.50 4.96
C ARG B 304 -16.33 -26.38 3.94
N ARG B 305 -15.23 -25.86 3.37
CA ARG B 305 -15.20 -24.79 2.36
C ARG B 305 -16.07 -25.00 1.12
N ARG B 306 -16.45 -23.89 0.50
CA ARG B 306 -17.27 -23.89 -0.71
C ARG B 306 -16.42 -24.26 -1.93
N THR B 307 -16.92 -25.19 -2.76
CA THR B 307 -16.17 -25.63 -3.97
C THR B 307 -16.81 -25.17 -5.29
N GLY B 308 -16.01 -25.17 -6.35
CA GLY B 308 -16.47 -24.78 -7.66
C GLY B 308 -15.34 -24.90 -8.65
N TRP B 309 -15.64 -24.80 -9.93
CA TRP B 309 -14.64 -24.89 -10.99
C TRP B 309 -13.69 -23.70 -10.99
N LEU B 310 -12.58 -23.84 -11.72
CA LEU B 310 -11.57 -22.79 -11.89
C LEU B 310 -12.21 -21.61 -12.64
N ASP B 311 -12.09 -20.41 -12.09
CA ASP B 311 -12.68 -19.19 -12.67
C ASP B 311 -11.65 -18.33 -13.38
N THR B 312 -11.54 -18.52 -14.68
CA THR B 312 -10.58 -17.81 -15.54
C THR B 312 -10.75 -16.28 -15.52
N VAL B 313 -12.00 -15.82 -15.37
CA VAL B 313 -12.29 -14.39 -15.30
C VAL B 313 -11.72 -13.84 -14.02
N ALA B 314 -12.04 -14.52 -12.93
CA ALA B 314 -11.56 -14.15 -11.61
C ALA B 314 -10.05 -14.10 -11.60
N VAL B 315 -9.42 -15.11 -12.21
CA VAL B 315 -7.96 -15.17 -12.28
C VAL B 315 -7.38 -14.11 -13.19
N ARG B 316 -8.09 -13.70 -14.23
CA ARG B 316 -7.53 -12.65 -15.06
C ARG B 316 -7.37 -11.36 -14.26
N ARG B 317 -8.29 -11.12 -13.32
CA ARG B 317 -8.24 -9.92 -12.48
C ARG B 317 -6.97 -9.87 -11.62
N ALA B 318 -6.61 -11.03 -11.06
CA ALA B 318 -5.41 -11.20 -10.23
C ALA B 318 -4.12 -11.07 -11.02
N VAL B 319 -4.16 -11.44 -12.30
CA VAL B 319 -2.97 -11.30 -13.15
C VAL B 319 -2.64 -9.81 -13.28
N GLN B 320 -3.70 -9.02 -13.50
CA GLN B 320 -3.66 -7.56 -13.61
C GLN B 320 -3.13 -6.90 -12.32
N LEU B 321 -3.86 -7.09 -11.23
CA LEU B 321 -3.51 -6.51 -9.95
C LEU B 321 -2.12 -6.85 -9.48
N ASN B 322 -1.65 -8.06 -9.79
CA ASN B 322 -0.32 -8.48 -9.33
C ASN B 322 0.78 -8.40 -10.39
N SER B 323 0.42 -8.13 -11.65
CA SER B 323 1.39 -8.14 -12.74
C SER B 323 2.16 -9.47 -12.67
N LEU B 324 1.36 -10.53 -12.58
CA LEU B 324 1.87 -11.87 -12.49
C LEU B 324 2.85 -12.20 -13.62
N SER B 325 3.91 -12.90 -13.23
CA SER B 325 4.96 -13.34 -14.13
C SER B 325 4.67 -14.76 -14.60
N GLY B 326 4.25 -15.61 -13.70
CA GLY B 326 3.96 -16.98 -14.06
C GLY B 326 3.15 -17.59 -12.96
N PHE B 327 2.53 -18.73 -13.23
CA PHE B 327 1.72 -19.44 -12.25
C PHE B 327 2.41 -20.68 -11.76
N CYS B 328 1.92 -21.11 -10.61
CA CYS B 328 2.30 -22.34 -9.99
C CYS B 328 0.97 -23.00 -9.71
N LEU B 329 0.65 -23.97 -10.57
CA LEU B 329 -0.59 -24.67 -10.47
C LEU B 329 -0.51 -25.77 -9.41
N THR B 330 -1.55 -25.87 -8.59
CA THR B 330 -1.58 -26.87 -7.53
C THR B 330 -2.85 -27.69 -7.54
N LYS B 331 -2.79 -28.83 -6.88
CA LYS B 331 -3.92 -29.75 -6.76
C LYS B 331 -4.48 -30.25 -8.07
N LEU B 332 -3.62 -30.41 -9.07
CA LEU B 332 -4.09 -30.92 -10.36
C LEU B 332 -4.67 -32.32 -10.21
N ASP B 333 -4.04 -33.10 -9.32
CA ASP B 333 -4.41 -34.49 -9.01
C ASP B 333 -5.79 -34.62 -8.36
N VAL B 334 -6.20 -33.62 -7.61
CA VAL B 334 -7.51 -33.64 -6.99
C VAL B 334 -8.58 -33.91 -8.05
N LEU B 335 -8.31 -33.49 -9.29
CA LEU B 335 -9.26 -33.68 -10.40
C LEU B 335 -9.15 -35.07 -11.07
N ASP B 336 -8.09 -35.82 -10.76
CA ASP B 336 -7.90 -37.15 -11.34
C ASP B 336 -9.18 -37.97 -11.24
N GLY B 337 -9.70 -38.48 -12.35
CA GLY B 337 -10.91 -39.27 -12.30
C GLY B 337 -12.24 -38.61 -12.68
N LEU B 338 -12.23 -37.32 -12.98
CA LEU B 338 -13.47 -36.67 -13.40
C LEU B 338 -13.66 -36.90 -14.91
N LYS B 339 -14.83 -37.40 -15.30
CA LYS B 339 -15.11 -37.65 -16.72
C LYS B 339 -14.91 -36.40 -17.55
N GLU B 340 -15.17 -35.26 -16.94
CA GLU B 340 -15.00 -33.99 -17.60
C GLU B 340 -14.69 -32.90 -16.59
N VAL B 341 -13.92 -31.93 -17.05
CA VAL B 341 -13.52 -30.80 -16.24
C VAL B 341 -14.01 -29.53 -16.90
N LYS B 342 -14.40 -28.56 -16.09
CA LYS B 342 -14.91 -27.31 -16.60
C LYS B 342 -14.07 -26.15 -16.17
N LEU B 343 -14.08 -25.11 -16.98
CA LEU B 343 -13.39 -23.88 -16.66
C LEU B 343 -14.17 -22.71 -17.20
N CYS B 344 -14.48 -21.75 -16.32
CA CYS B 344 -15.23 -20.55 -16.71
C CYS B 344 -14.35 -19.68 -17.58
N VAL B 345 -14.84 -19.33 -18.76
CA VAL B 345 -14.03 -18.54 -19.68
C VAL B 345 -14.55 -17.12 -19.75
N ALA B 346 -15.77 -16.94 -19.29
CA ALA B 346 -16.36 -15.64 -19.28
C ALA B 346 -17.61 -15.63 -18.42
N TYR B 347 -18.05 -14.42 -18.09
CA TYR B 347 -19.25 -14.22 -17.32
C TYR B 347 -20.28 -13.68 -18.25
N ARG B 348 -21.50 -14.18 -18.13
CA ARG B 348 -22.60 -13.69 -18.92
C ARG B 348 -23.44 -12.81 -18.01
N MET B 349 -23.61 -11.56 -18.41
CA MET B 349 -24.38 -10.62 -17.61
C MET B 349 -25.88 -10.73 -17.90
N PRO B 350 -26.72 -10.43 -16.90
CA PRO B 350 -28.19 -10.49 -16.98
C PRO B 350 -28.81 -9.89 -18.24
N ASP B 351 -28.11 -8.94 -18.84
CA ASP B 351 -28.56 -8.29 -20.06
C ASP B 351 -28.16 -9.07 -21.30
N GLY B 352 -27.35 -10.12 -21.13
CA GLY B 352 -26.92 -10.92 -22.27
C GLY B 352 -25.44 -10.77 -22.56
N ARG B 353 -24.93 -9.58 -22.28
CA ARG B 353 -23.53 -9.18 -22.46
C ARG B 353 -22.58 -10.20 -21.83
N GLU B 354 -21.53 -10.58 -22.56
CA GLU B 354 -20.53 -11.51 -22.03
C GLU B 354 -19.24 -10.75 -21.75
N VAL B 355 -18.57 -11.05 -20.65
CA VAL B 355 -17.35 -10.31 -20.31
C VAL B 355 -16.18 -11.18 -19.85
N THR B 356 -14.99 -10.62 -19.98
CA THR B 356 -13.75 -11.24 -19.57
C THR B 356 -13.20 -10.50 -18.34
N THR B 357 -13.94 -9.51 -17.87
CA THR B 357 -13.56 -8.73 -16.70
C THR B 357 -14.59 -8.94 -15.59
N THR B 358 -14.15 -8.91 -14.33
CA THR B 358 -15.05 -9.11 -13.18
C THR B 358 -15.83 -7.84 -12.87
N PRO B 359 -17.04 -7.98 -12.29
CA PRO B 359 -17.94 -6.88 -11.91
C PRO B 359 -17.35 -5.73 -11.08
N LEU B 360 -17.80 -4.53 -11.45
CA LEU B 360 -17.39 -3.26 -10.84
C LEU B 360 -18.62 -2.34 -10.64
N ALA B 361 -18.35 -1.11 -10.23
CA ALA B 361 -19.38 -0.07 -10.03
C ALA B 361 -20.77 -0.65 -9.69
N ALA B 362 -20.90 -1.23 -8.50
CA ALA B 362 -22.16 -1.84 -8.12
C ALA B 362 -22.55 -2.86 -9.17
N ASP B 363 -23.80 -2.85 -9.63
CA ASP B 363 -24.23 -3.82 -10.64
C ASP B 363 -23.54 -5.15 -10.34
N ASP B 364 -23.66 -5.48 -9.06
CA ASP B 364 -23.09 -6.63 -8.39
C ASP B 364 -23.05 -7.94 -9.17
N TRP B 365 -22.40 -8.91 -8.55
CA TRP B 365 -22.23 -10.26 -9.06
C TRP B 365 -23.54 -11.05 -8.94
N LYS B 366 -24.55 -10.45 -8.29
CA LYS B 366 -25.86 -11.06 -8.06
C LYS B 366 -26.42 -11.87 -9.23
N GLY B 367 -26.12 -11.49 -10.47
CA GLY B 367 -26.68 -12.24 -11.57
C GLY B 367 -25.77 -12.66 -12.71
N VAL B 368 -24.48 -12.86 -12.43
CA VAL B 368 -23.58 -13.28 -13.50
C VAL B 368 -23.71 -14.77 -13.74
N GLU B 369 -24.01 -15.14 -14.98
CA GLU B 369 -24.10 -16.55 -15.36
C GLU B 369 -22.72 -16.97 -15.83
N PRO B 370 -22.18 -18.07 -15.28
CA PRO B 370 -20.85 -18.48 -15.73
C PRO B 370 -20.87 -19.15 -17.08
N ILE B 371 -20.04 -18.69 -18.01
CA ILE B 371 -19.94 -19.38 -19.29
C ILE B 371 -18.79 -20.33 -19.17
N TYR B 372 -19.09 -21.62 -19.20
CA TYR B 372 -18.07 -22.62 -19.07
C TYR B 372 -17.60 -23.18 -20.39
N GLU B 373 -16.49 -23.87 -20.28
CA GLU B 373 -15.88 -24.58 -21.38
C GLU B 373 -15.62 -25.96 -20.86
N THR B 374 -16.22 -26.96 -21.49
CA THR B 374 -16.04 -28.33 -21.00
C THR B 374 -14.89 -29.07 -21.66
N MET B 375 -14.04 -29.63 -20.81
CA MET B 375 -12.90 -30.38 -21.25
C MET B 375 -13.07 -31.81 -20.77
N PRO B 376 -12.53 -32.79 -21.52
CA PRO B 376 -12.68 -34.15 -21.05
C PRO B 376 -11.68 -34.29 -19.90
N GLY B 377 -11.98 -35.15 -18.94
CA GLY B 377 -11.06 -35.31 -17.84
C GLY B 377 -10.08 -36.42 -18.14
N TRP B 378 -9.40 -36.90 -17.11
CA TRP B 378 -8.44 -37.98 -17.23
C TRP B 378 -8.63 -39.02 -16.14
N SER B 379 -8.20 -40.24 -16.45
CA SER B 379 -8.32 -41.36 -15.53
C SER B 379 -6.95 -41.66 -14.92
N GLU B 380 -5.95 -41.66 -15.78
CA GLU B 380 -4.59 -41.90 -15.35
C GLU B 380 -4.19 -40.86 -14.29
N SER B 381 -3.77 -41.37 -13.14
CA SER B 381 -3.36 -40.55 -12.01
C SER B 381 -2.28 -39.52 -12.40
N THR B 382 -2.29 -38.38 -11.73
CA THR B 382 -1.27 -37.36 -11.97
C THR B 382 -0.50 -37.11 -10.68
N PHE B 383 -0.93 -37.79 -9.63
CA PHE B 383 -0.27 -37.68 -8.33
C PHE B 383 1.13 -38.23 -8.47
N GLY B 384 2.11 -37.50 -7.93
CA GLY B 384 3.49 -37.96 -7.96
C GLY B 384 4.27 -37.76 -9.25
N VAL B 385 3.58 -37.49 -10.36
CA VAL B 385 4.27 -37.29 -11.63
C VAL B 385 5.32 -36.18 -11.48
N LYS B 386 6.53 -36.41 -11.99
CA LYS B 386 7.60 -35.43 -11.85
C LYS B 386 8.07 -34.86 -13.17
N ASP B 387 7.39 -35.21 -14.25
CA ASP B 387 7.78 -34.79 -15.58
C ASP B 387 6.54 -34.59 -16.46
N ARG B 388 6.59 -33.65 -17.39
CA ARG B 388 5.46 -33.38 -18.30
C ARG B 388 5.05 -34.61 -19.11
N SER B 389 5.91 -35.63 -19.17
CA SER B 389 5.59 -36.83 -19.93
C SER B 389 4.69 -37.79 -19.14
N GLY B 390 4.73 -37.68 -17.81
CA GLY B 390 3.90 -38.56 -16.99
C GLY B 390 2.49 -38.01 -16.94
N LEU B 391 2.34 -36.80 -17.47
CA LEU B 391 1.07 -36.11 -17.50
C LEU B 391 0.26 -36.50 -18.74
N PRO B 392 -0.97 -36.99 -18.55
CA PRO B 392 -1.80 -37.37 -19.70
C PRO B 392 -2.09 -36.14 -20.58
N GLN B 393 -2.45 -36.36 -21.85
CA GLN B 393 -2.72 -35.26 -22.80
C GLN B 393 -3.88 -34.37 -22.33
N ALA B 394 -4.91 -35.00 -21.80
CA ALA B 394 -6.06 -34.28 -21.28
C ALA B 394 -5.59 -33.27 -20.22
N ALA B 395 -4.82 -33.74 -19.24
CA ALA B 395 -4.30 -32.86 -18.20
C ALA B 395 -3.56 -31.67 -18.84
N LEU B 396 -2.68 -32.00 -19.79
CA LEU B 396 -1.88 -31.01 -20.51
C LEU B 396 -2.75 -29.97 -21.24
N ASN B 397 -3.76 -30.45 -21.98
CA ASN B 397 -4.66 -29.53 -22.70
C ASN B 397 -5.25 -28.50 -21.76
N TYR B 398 -5.77 -28.97 -20.62
CA TYR B 398 -6.37 -28.13 -19.58
C TYR B 398 -5.42 -26.99 -19.15
N ILE B 399 -4.21 -27.39 -18.77
CA ILE B 399 -3.16 -26.46 -18.36
C ILE B 399 -2.90 -25.50 -19.49
N LYS B 400 -2.79 -26.09 -20.68
CA LYS B 400 -2.56 -25.36 -21.91
C LYS B 400 -3.59 -24.25 -22.06
N ARG B 401 -4.85 -24.60 -21.82
CA ARG B 401 -5.97 -23.67 -21.96
C ARG B 401 -5.89 -22.53 -20.94
N ILE B 402 -5.59 -22.85 -19.69
CA ILE B 402 -5.46 -21.83 -18.66
C ILE B 402 -4.45 -20.77 -19.16
N GLU B 403 -3.30 -21.22 -19.62
CA GLU B 403 -2.28 -20.31 -20.13
C GLU B 403 -2.82 -19.36 -21.21
N GLU B 404 -3.58 -19.90 -22.15
CA GLU B 404 -4.15 -19.11 -23.26
C GLU B 404 -5.15 -18.08 -22.78
N LEU B 405 -6.02 -18.49 -21.86
CA LEU B 405 -7.07 -17.63 -21.31
C LEU B 405 -6.53 -16.52 -20.38
N THR B 406 -5.34 -16.73 -19.85
CA THR B 406 -4.77 -15.77 -18.94
C THR B 406 -3.62 -15.04 -19.57
N GLY B 407 -2.85 -15.73 -20.40
CA GLY B 407 -1.71 -15.08 -21.03
C GLY B 407 -0.50 -15.12 -20.12
N VAL B 408 -0.57 -15.97 -19.10
CA VAL B 408 0.48 -16.15 -18.11
C VAL B 408 0.88 -17.63 -18.09
N PRO B 409 2.17 -17.92 -18.20
CA PRO B 409 2.63 -19.30 -18.18
C PRO B 409 2.63 -20.01 -16.85
N ILE B 410 2.25 -21.29 -16.86
CA ILE B 410 2.34 -22.06 -15.64
C ILE B 410 3.80 -22.52 -15.54
N ASP B 411 4.58 -21.83 -14.70
CA ASP B 411 5.99 -22.13 -14.57
C ASP B 411 6.31 -23.27 -13.62
N ILE B 412 5.37 -23.58 -12.73
CA ILE B 412 5.53 -24.67 -11.77
C ILE B 412 4.25 -25.47 -11.62
N ILE B 413 4.38 -26.79 -11.51
CA ILE B 413 3.21 -27.62 -11.29
C ILE B 413 3.43 -28.46 -10.05
N SER B 414 2.42 -28.50 -9.19
CA SER B 414 2.48 -29.28 -7.96
C SER B 414 1.55 -30.47 -8.08
N THR B 415 2.05 -31.67 -7.77
CA THR B 415 1.26 -32.89 -7.93
C THR B 415 1.24 -33.78 -6.68
N GLY B 416 1.57 -33.21 -5.53
CA GLY B 416 1.58 -33.97 -4.29
C GLY B 416 1.97 -33.08 -3.14
N PRO B 417 1.58 -33.41 -1.90
CA PRO B 417 1.97 -32.55 -0.78
C PRO B 417 3.48 -32.46 -0.54
N ASP B 418 4.23 -33.52 -0.82
CA ASP B 418 5.68 -33.53 -0.59
C ASP B 418 6.44 -32.75 -1.65
N ARG B 419 7.59 -32.18 -1.29
CA ARG B 419 8.41 -31.38 -2.20
C ARG B 419 8.96 -32.11 -3.42
N THR B 420 9.15 -33.42 -3.37
CA THR B 420 9.69 -34.10 -4.54
C THR B 420 8.70 -34.10 -5.71
N GLU B 421 7.41 -34.10 -5.39
CA GLU B 421 6.37 -34.12 -6.40
C GLU B 421 6.12 -32.72 -6.96
N THR B 422 7.12 -32.19 -7.69
CA THR B 422 7.00 -30.86 -8.24
C THR B 422 7.69 -30.70 -9.59
N MET B 423 7.01 -30.04 -10.52
CA MET B 423 7.55 -29.78 -11.83
C MET B 423 7.88 -28.33 -11.93
N ILE B 424 9.13 -28.03 -12.27
CA ILE B 424 9.57 -26.67 -12.47
C ILE B 424 9.90 -26.48 -13.93
N LEU B 425 9.06 -25.73 -14.63
CA LEU B 425 9.28 -25.48 -16.04
C LEU B 425 10.16 -24.25 -16.29
N ARG B 426 10.14 -23.26 -15.39
CA ARG B 426 10.99 -22.11 -15.58
C ARG B 426 11.92 -21.83 -14.41
N ASP B 427 11.38 -21.64 -13.20
CA ASP B 427 12.17 -21.26 -12.01
C ASP B 427 12.25 -19.74 -11.84
N PRO B 428 11.46 -19.21 -10.87
CA PRO B 428 11.31 -17.80 -10.50
C PRO B 428 12.59 -16.98 -10.41
N PHE B 429 13.60 -17.56 -9.75
CA PHE B 429 14.87 -16.88 -9.55
C PHE B 429 15.73 -16.81 -10.80
N ASP B 430 16.15 -17.96 -11.33
CA ASP B 430 17.00 -18.01 -12.52
C ASP B 430 16.18 -17.91 -13.79
N ALA B 431 15.31 -16.91 -13.87
CA ALA B 431 14.45 -16.66 -15.03
C ALA B 431 13.24 -15.82 -14.64
N3B GNH C . 1.17 24.14 -5.30
PB GNH C . 1.89 23.77 -6.75
O1B GNH C . 2.21 22.32 -6.95
O2B GNH C . 1.33 24.55 -7.87
O3A GNH C . 3.22 24.62 -6.44
PA GNH C . 4.71 24.02 -6.63
O1A GNH C . 4.86 22.87 -5.70
O2A GNH C . 5.07 23.91 -8.07
O5' GNH C . 5.43 25.32 -5.98
C5' GNH C . 6.72 25.81 -6.18
C4' GNH C . 6.67 27.22 -5.79
O4' GNH C . 7.92 27.77 -6.21
C3' GNH C . 5.64 27.98 -6.60
O3' GNH C . 5.10 29.11 -5.90
C2' GNH C . 6.41 28.22 -7.97
O2' GNH C . 6.02 29.38 -8.76
C1' GNH C . 7.88 28.23 -7.56
N9 GNH C . 8.73 27.47 -8.37
C8 GNH C . 8.65 26.20 -8.85
N7 GNH C . 9.71 25.68 -9.39
C5 GNH C . 10.62 26.73 -9.25
C6 GNH C . 12.01 26.80 -9.65
O6 GNH C . 12.74 25.95 -10.17
N1 GNH C . 12.54 28.04 -9.31
C2 GNH C . 11.81 29.03 -8.69
N2 GNH C . 12.46 30.14 -8.43
N3 GNH C . 10.52 28.99 -8.30
C4 GNH C . 10.01 27.80 -8.62
HN31 GNH C . 0.37 23.52 -5.04
HN32 GNH C . 1.47 24.82 -4.59
H5'2 GNH C . 7.43 25.30 -5.54
H5'1 GNH C . 6.99 25.68 -7.22
H4' GNH C . 6.54 27.35 -4.71
H3' GNH C . 4.78 27.33 -6.77
HO3' GNH C . 5.39 29.95 -6.25
H2' GNH C . 6.22 27.31 -8.54
HO2' GNH C . 6.29 29.19 -9.66
H1' GNH C . 8.25 29.25 -7.61
H8 GNH C . 7.70 25.67 -8.93
HN1 GNH C . 13.51 28.24 -9.52
HN21 GNH C . 12.18 31.00 -8.81
HN22 GNH C . 13.30 30.15 -7.91
PG GNP D . 3.00 20.20 -3.89
O1G GNP D . 2.60 21.19 -2.85
O2G GNP D . 1.85 19.47 -4.47
O3G GNP D . 4.19 19.34 -3.57
N3B GNP D . 3.66 21.19 -5.10
PB GNP D . 4.48 22.62 -4.74
O1B GNP D . 3.63 23.55 -4.01
O2B GNP D . 5.78 22.25 -4.16
O3A GNP D . 4.69 23.10 -6.27
PA GNP D . 4.56 24.61 -6.89
O1A GNP D . 5.23 24.62 -8.22
O2A GNP D . 3.16 25.10 -6.72
O5' GNP D . 5.51 25.44 -5.88
C5' GNP D . 6.78 25.87 -6.15
C4' GNP D . 6.75 27.27 -5.77
O4' GNP D . 7.97 27.87 -6.20
C3' GNP D . 5.69 28.00 -6.57
O3' GNP D . 5.21 29.14 -5.89
C2' GNP D . 6.42 28.21 -7.94
O2' GNP D . 6.00 29.31 -8.77
C1' GNP D . 7.91 28.29 -7.55
N9 GNP D . 8.75 27.50 -8.33
C8 GNP D . 8.66 26.23 -8.80
N7 GNP D . 9.72 25.69 -9.32
C5 GNP D . 10.64 26.72 -9.21
C6 GNP D . 12.04 26.76 -9.60
O6 GNP D . 12.75 25.89 -10.11
N1 GNP D . 12.59 28.00 -9.28
C2 GNP D . 11.85 29.01 -8.67
N2 GNP D . 12.53 30.14 -8.45
N3 GNP D . 10.57 29.00 -8.29
C4 GNP D . 10.04 27.82 -8.59
H5'2 GNP D . 7.51 25.34 -5.54
H5'1 GNP D . 7.00 25.74 -7.20
H4' GNP D . 6.60 27.38 -4.69
H3' GNP D . 4.81 27.35 -6.65
HO3' GNP D . 5.40 29.94 -6.38
H2' GNP D . 6.27 27.26 -8.48
HO2' GNP D . 6.38 29.17 -9.64
H1' GNP D . 8.24 29.32 -7.63
H8 GNP D . 7.70 25.73 -8.90
HN1 GNP D . 13.55 28.20 -9.49
HN21 GNP D . 12.20 30.98 -8.80
HN22 GNP D . 13.36 30.14 -7.92
#